data_5TDU
#
_entry.id   5TDU
#
_cell.length_a   99.237
_cell.length_b   116.003
_cell.length_c   180.721
_cell.angle_alpha   90.00
_cell.angle_beta   90.00
_cell.angle_gamma   90.00
#
_symmetry.space_group_name_H-M   'C 2 2 21'
#
loop_
_entity.id
_entity.type
_entity.pdbx_description
1 polymer 'Toluene-4-monooxygenase system protein A'
2 polymer 'Toluene-4-monooxygenase system protein E'
3 polymer 'Toluene-4-monooxygenase system protein B'
4 polymer 'Toluene-4-monooxygenase system protein D'
5 non-polymer 'FE (III) ION'
6 non-polymer P-CRESOL
7 water water
#
loop_
_entity_poly.entity_id
_entity_poly.type
_entity_poly.pdbx_seq_one_letter_code
_entity_poly.pdbx_strand_id
1 'polypeptide(L)'
;MAMHPRKDWYELTRATNWTPSYVTEEQLFPERMSGHMGIPLEKWESYDEPYKTSYPEYVSIQREKDAGAYSVKAALERAK
IYENSDPGWISTLKSHYGAIAVGEYAAVTGEGRMARFSKAPGNRNMATFGMMDELRHGQLQLFFPHEYCKKDRQFDWAWR
AYHSNEWAAIAAKHFFDDIITGRDAISVAIMLTFSFETGFTNMQFLGLAADAAEAGDYTFANLISSIQTDESRHAQQGGP
ALQLLIENGKREEAQKKVDMAIWRAWRLFAVLTGPVMDYYTPLEDRSQSFKEFMYEWIIGQFERSLIDLGLDKPWYWDLF
LKDIDELHHSYHMGVWYWRTTAWWNPAAGVTPEERDWLEEKYPGWNKRWGRCWDVITENVLNDRMDLVSPETLPSVCNMS
QIPLVGVPGDDWNIEVFSLEHNGRLYHFGSEVDRWVFQQDPVQYQNHMNIVDRFLAGQIQPMTLEGALKYMGFQSIEEMG
KDAHDFAWADKCK
;
A
2 'polypeptide(L)'
;MSFESKKPMRTWSHLAEMRKKPSEYDIVSRKLHYSTNNPDSPWELSPDSPMNLWYKQYRNASPLKHDNWDAFTDPDQLVY
RTYNLMQDGQESYVQSLFDQFNEREHDQMVREGWEHTMARCYSPLRYLFHCLQMSSAYVQQMAPASTISNCCILQTADSL
RWLTHTAYRTHELSLTYPDAGLGEHERELWEKEPGWQGLRELMEKQLTAFDWGEAFVSLNLVVKPMIVESIFKPLQQQAW
ENNDTLLPLLIDSQLKDAERHSRWSKALVKHALENPDNHAVIEGWIEKWRPLADRAAEAYLSMLSSDI
;
B
3 'polypeptide(L)'
;MSAFPVHAAFEKDFLVQLVVVDLNDSMDQVAEKVAYHCVNRRVAPREGVMRVRKHRSTELFPRDMTIAESGLNPTEVIDV
VFEE
;
C
4 'polypeptide(L)'
;MSTLADQALHNNNVGPIIRAGDLVEPVIETAEIDNPGKEITVEDRRAYVRIAAEGELILTRKTLEEQLGRPFNMQELEIN
LASFAGQIQADEDQIRFYFDKTM
;
E
#
# COMPACT_ATOMS: atom_id res chain seq x y z
N ALA A 2 -8.48 15.59 36.30
CA ALA A 2 -7.24 14.94 35.88
C ALA A 2 -7.53 13.90 34.81
N MET A 3 -6.49 13.57 34.04
CA MET A 3 -6.55 12.51 33.01
C MET A 3 -5.65 11.36 33.42
N HIS A 4 -6.00 10.16 32.98
CA HIS A 4 -5.20 8.99 33.31
C HIS A 4 -4.34 8.62 32.10
N PRO A 5 -3.06 8.28 32.35
CA PRO A 5 -2.10 8.04 31.28
C PRO A 5 -2.45 6.80 30.48
N ARG A 6 -2.15 6.81 29.18
CA ARG A 6 -2.50 5.71 28.28
C ARG A 6 -2.08 4.34 28.81
N LYS A 7 -0.92 4.26 29.45
CA LYS A 7 -0.40 2.98 29.90
C LYS A 7 -1.39 2.28 30.85
N ASP A 8 -2.19 3.07 31.55
CA ASP A 8 -3.10 2.53 32.56
C ASP A 8 -4.41 1.98 32.00
N TRP A 9 -4.80 2.38 30.78
CA TRP A 9 -6.05 1.89 30.22
C TRP A 9 -5.85 1.24 28.84
N TYR A 10 -4.63 1.24 28.32
CA TYR A 10 -4.40 0.73 26.96
C TYR A 10 -4.80 -0.73 26.84
N GLU A 11 -4.52 -1.54 27.86
CA GLU A 11 -4.79 -2.98 27.71
C GLU A 11 -6.26 -3.22 27.46
N LEU A 12 -7.14 -2.41 28.07
CA LEU A 12 -8.57 -2.62 27.89
C LEU A 12 -9.00 -2.32 26.45
N THR A 13 -8.29 -1.44 25.75
CA THR A 13 -8.67 -1.15 24.36
C THR A 13 -8.46 -2.36 23.45
N ARG A 14 -7.55 -3.27 23.84
CA ARG A 14 -7.27 -4.45 22.99
C ARG A 14 -7.63 -5.75 23.70
N ALA A 15 -8.41 -5.64 24.77
CA ALA A 15 -9.00 -6.80 25.43
C ALA A 15 -10.32 -7.12 24.72
N THR A 16 -10.22 -7.62 23.49
CA THR A 16 -11.40 -7.79 22.64
C THR A 16 -11.55 -9.18 22.06
N ASN A 17 -10.61 -10.08 22.33
CA ASN A 17 -10.80 -11.48 21.93
C ASN A 17 -11.82 -12.15 22.84
N TRP A 18 -12.66 -12.99 22.24
CA TRP A 18 -13.59 -13.82 23.02
C TRP A 18 -13.74 -15.18 22.36
N THR A 19 -14.31 -16.12 23.11
CA THR A 19 -14.50 -17.48 22.64
C THR A 19 -15.85 -17.66 21.97
N PRO A 20 -15.87 -17.79 20.63
CA PRO A 20 -17.15 -17.88 19.91
C PRO A 20 -17.98 -19.09 20.34
N SER A 21 -19.30 -18.93 20.38
CA SER A 21 -20.18 -20.01 20.82
C SER A 21 -21.31 -20.28 19.83
N TYR A 22 -21.67 -19.29 19.03
CA TYR A 22 -22.84 -19.40 18.17
C TYR A 22 -22.42 -19.67 16.73
N VAL A 23 -21.16 -19.37 16.44
CA VAL A 23 -20.48 -19.85 15.24
C VAL A 23 -19.17 -20.43 15.74
N THR A 24 -18.48 -21.18 14.90
CA THR A 24 -17.19 -21.75 15.31
C THR A 24 -16.07 -20.71 15.15
N GLU A 25 -14.95 -20.97 15.80
CA GLU A 25 -13.79 -20.09 15.68
C GLU A 25 -13.36 -19.98 14.22
N GLU A 26 -13.37 -21.10 13.51
CA GLU A 26 -12.97 -21.13 12.11
C GLU A 26 -13.98 -20.43 11.19
N GLN A 27 -15.26 -20.48 11.53
CA GLN A 27 -16.26 -19.73 10.78
C GLN A 27 -16.07 -18.23 10.96
N LEU A 28 -15.74 -17.80 12.18
CA LEU A 28 -15.51 -16.38 12.46
C LEU A 28 -14.19 -15.89 11.86
N PHE A 29 -13.16 -16.72 11.89
CA PHE A 29 -11.86 -16.38 11.33
C PHE A 29 -11.40 -17.41 10.29
N PRO A 30 -12.08 -17.45 9.13
CA PRO A 30 -11.74 -18.47 8.12
C PRO A 30 -10.29 -18.36 7.65
N GLU A 31 -9.59 -19.49 7.55
CA GLU A 31 -8.17 -19.47 7.21
C GLU A 31 -7.90 -18.70 5.92
N ARG A 32 -8.77 -18.85 4.92
CA ARG A 32 -8.47 -18.22 3.65
C ARG A 32 -8.44 -16.68 3.76
N MET A 33 -9.13 -16.13 4.77
CA MET A 33 -9.14 -14.67 4.96
C MET A 33 -8.28 -14.22 6.14
N SER A 34 -8.10 -15.11 7.12
CA SER A 34 -7.38 -14.78 8.35
CA SER A 34 -7.37 -14.76 8.33
C SER A 34 -5.90 -15.19 8.29
N GLY A 35 -5.61 -16.35 7.72
CA GLY A 35 -4.24 -16.82 7.59
C GLY A 35 -3.54 -17.17 8.90
N HIS A 36 -4.31 -17.60 9.88
CA HIS A 36 -3.78 -17.92 11.21
C HIS A 36 -2.93 -19.19 11.27
N MET A 37 -2.91 -19.96 10.20
CA MET A 37 -2.09 -21.17 10.12
C MET A 37 -2.40 -22.17 11.24
N GLY A 38 -3.64 -22.13 11.72
CA GLY A 38 -4.08 -23.07 12.74
C GLY A 38 -3.70 -22.68 14.16
N ILE A 39 -3.04 -21.54 14.33
CA ILE A 39 -2.67 -21.07 15.67
C ILE A 39 -3.95 -20.60 16.38
N PRO A 40 -4.26 -21.20 17.54
CA PRO A 40 -5.51 -20.88 18.25
C PRO A 40 -5.54 -19.47 18.82
N LEU A 41 -6.75 -18.94 18.94
CA LEU A 41 -7.01 -17.57 19.39
C LEU A 41 -6.17 -17.16 20.58
N GLU A 42 -6.08 -18.03 21.58
CA GLU A 42 -5.38 -17.70 22.82
C GLU A 42 -3.94 -17.27 22.57
N LYS A 43 -3.29 -17.87 21.59
CA LYS A 43 -1.89 -17.57 21.33
C LYS A 43 -1.72 -16.17 20.74
N TRP A 44 -2.75 -15.67 20.08
CA TRP A 44 -2.64 -14.39 19.40
C TRP A 44 -2.74 -13.21 20.35
N GLU A 45 -3.10 -13.49 21.60
CA GLU A 45 -3.31 -12.41 22.56
C GLU A 45 -1.97 -11.89 23.08
N SER A 46 -0.88 -12.59 22.75
CA SER A 46 0.48 -12.16 23.11
CA SER A 46 0.45 -12.12 23.16
C SER A 46 1.00 -11.08 22.18
N TYR A 47 0.29 -10.86 21.07
CA TYR A 47 0.67 -9.84 20.08
C TYR A 47 0.75 -8.47 20.73
N ASP A 48 1.90 -7.81 20.63
CA ASP A 48 2.09 -6.50 21.26
C ASP A 48 2.67 -5.50 20.27
N GLU A 49 1.79 -4.72 19.66
CA GLU A 49 2.20 -3.67 18.71
C GLU A 49 3.19 -2.71 19.40
N PRO A 50 4.41 -2.56 18.86
CA PRO A 50 5.40 -1.71 19.52
C PRO A 50 5.23 -0.20 19.26
N TYR A 51 4.44 0.17 18.26
CA TYR A 51 4.22 1.59 17.96
C TYR A 51 2.73 1.90 18.14
N LYS A 52 2.36 2.25 19.36
CA LYS A 52 0.95 2.39 19.73
C LYS A 52 0.40 3.78 19.44
N THR A 53 -0.91 3.85 19.28
CA THR A 53 -1.62 5.12 19.33
C THR A 53 -3.02 4.84 19.85
N SER A 54 -3.79 5.88 20.09
CA SER A 54 -5.15 5.73 20.57
C SER A 54 -6.01 6.76 19.87
N TYR A 55 -7.31 6.58 19.87
CA TYR A 55 -8.17 7.42 19.03
C TYR A 55 -8.03 8.95 19.29
N PRO A 56 -8.07 9.40 20.57
CA PRO A 56 -7.97 10.86 20.71
C PRO A 56 -6.65 11.43 20.18
N GLU A 57 -5.54 10.74 20.48
CA GLU A 57 -4.23 11.19 20.01
C GLU A 57 -4.16 11.14 18.50
N TYR A 58 -4.72 10.08 17.92
CA TYR A 58 -4.69 9.91 16.47
C TYR A 58 -5.35 11.09 15.75
N VAL A 59 -6.59 11.43 16.11
CA VAL A 59 -7.25 12.49 15.34
C VAL A 59 -6.56 13.84 15.55
N SER A 60 -6.07 14.10 16.76
CA SER A 60 -5.36 15.35 17.06
C SER A 60 -4.07 15.48 16.23
N ILE A 61 -3.26 14.43 16.26
CA ILE A 61 -1.96 14.50 15.61
C ILE A 61 -2.10 14.48 14.08
N GLN A 62 -3.01 13.66 13.55
CA GLN A 62 -3.20 13.61 12.10
C GLN A 62 -3.77 14.92 11.57
N ARG A 63 -4.60 15.59 12.38
CA ARG A 63 -5.07 16.92 12.04
C ARG A 63 -3.87 17.86 11.81
N GLU A 64 -2.92 17.81 12.74
CA GLU A 64 -1.75 18.65 12.64
C GLU A 64 -0.88 18.27 11.43
N LYS A 65 -0.72 16.97 11.17
CA LYS A 65 0.07 16.54 10.02
C LYS A 65 -0.49 17.11 8.71
N ASP A 66 -1.80 16.99 8.53
CA ASP A 66 -2.41 17.50 7.30
C ASP A 66 -2.35 19.03 7.22
N ALA A 67 -2.57 19.72 8.34
CA ALA A 67 -2.54 21.18 8.30
C ALA A 67 -1.21 21.65 7.71
N GLY A 68 -0.11 21.03 8.14
CA GLY A 68 1.19 21.35 7.60
C GLY A 68 1.35 21.03 6.12
N ALA A 69 0.93 19.83 5.73
CA ALA A 69 1.06 19.42 4.34
C ALA A 69 0.32 20.38 3.40
N TYR A 70 -0.90 20.75 3.78
CA TYR A 70 -1.72 21.58 2.90
C TYR A 70 -1.27 23.03 2.94
N SER A 71 -0.79 23.50 4.09
CA SER A 71 -0.31 24.88 4.21
C SER A 71 0.91 25.13 3.35
N VAL A 72 1.82 24.16 3.34
CA VAL A 72 3.00 24.27 2.50
C VAL A 72 2.63 24.27 1.03
N LYS A 73 1.76 23.34 0.63
CA LYS A 73 1.30 23.31 -0.76
C LYS A 73 0.69 24.66 -1.14
N ALA A 74 -0.15 25.21 -0.28
CA ALA A 74 -0.81 26.47 -0.58
C ALA A 74 0.21 27.60 -0.72
N ALA A 75 1.20 27.64 0.18
CA ALA A 75 2.15 28.76 0.20
C ALA A 75 3.11 28.74 -0.99
N LEU A 76 3.22 27.57 -1.63
CA LEU A 76 4.21 27.38 -2.69
C LEU A 76 3.59 27.27 -4.09
N GLU A 77 2.30 27.53 -4.21
CA GLU A 77 1.62 27.39 -5.50
C GLU A 77 2.29 28.19 -6.62
N ARG A 78 2.87 29.34 -6.28
CA ARG A 78 3.45 30.23 -7.29
C ARG A 78 4.96 30.11 -7.39
N ALA A 79 5.51 29.00 -6.91
CA ALA A 79 6.95 28.79 -6.98
C ALA A 79 7.40 28.36 -8.37
N LYS A 80 6.47 28.25 -9.31
CA LYS A 80 6.77 27.86 -10.70
C LYS A 80 7.54 26.55 -10.83
N ILE A 81 7.25 25.59 -9.96
CA ILE A 81 7.85 24.26 -10.08
C ILE A 81 7.55 23.66 -11.45
N TYR A 82 6.30 23.71 -11.87
CA TYR A 82 5.92 23.08 -13.14
C TYR A 82 6.63 23.74 -14.33
N GLU A 83 6.63 25.07 -14.34
CA GLU A 83 7.20 25.83 -15.45
C GLU A 83 8.73 25.86 -15.43
N ASN A 84 9.31 25.87 -14.24
CA ASN A 84 10.75 26.08 -14.10
C ASN A 84 11.55 24.81 -13.83
N SER A 85 10.87 23.74 -13.41
CA SER A 85 11.60 22.51 -13.12
C SER A 85 12.08 21.85 -14.40
N ASP A 86 13.17 21.10 -14.27
CA ASP A 86 13.63 20.23 -15.34
C ASP A 86 12.49 19.30 -15.70
N PRO A 87 12.27 19.06 -17.00
CA PRO A 87 11.16 18.18 -17.41
C PRO A 87 11.32 16.76 -16.86
N GLY A 88 12.55 16.34 -16.58
CA GLY A 88 12.80 15.04 -15.95
C GLY A 88 12.21 14.99 -14.55
N TRP A 89 12.21 16.13 -13.86
CA TRP A 89 11.60 16.18 -12.53
C TRP A 89 10.07 16.12 -12.62
N ILE A 90 9.49 16.86 -13.56
CA ILE A 90 8.04 16.78 -13.76
C ILE A 90 7.61 15.34 -14.09
N SER A 91 8.39 14.63 -14.89
CA SER A 91 8.06 13.25 -15.21
C SER A 91 8.14 12.35 -13.98
N THR A 92 9.04 12.69 -13.07
CA THR A 92 9.15 11.97 -11.80
C THR A 92 7.87 12.13 -10.96
N LEU A 93 7.32 13.35 -10.93
CA LEU A 93 6.04 13.58 -10.27
C LEU A 93 4.92 12.79 -10.94
N LYS A 94 4.88 12.83 -12.29
CA LYS A 94 3.85 12.12 -13.03
C LYS A 94 3.88 10.61 -12.76
N SER A 95 5.08 10.04 -12.75
CA SER A 95 5.18 8.60 -12.55
CA SER A 95 5.27 8.62 -12.52
C SER A 95 4.85 8.25 -11.10
N HIS A 96 5.32 9.06 -10.15
CA HIS A 96 5.01 8.80 -8.76
C HIS A 96 3.50 8.82 -8.51
N TYR A 97 2.84 9.92 -8.82
CA TYR A 97 1.42 10.01 -8.50
C TYR A 97 0.60 8.93 -9.21
N GLY A 98 0.92 8.65 -10.47
CA GLY A 98 0.21 7.61 -11.19
C GLY A 98 0.40 6.22 -10.60
N ALA A 99 1.62 5.91 -10.22
CA ALA A 99 1.94 4.56 -9.78
C ALA A 99 1.54 4.32 -8.33
N ILE A 100 1.28 5.39 -7.59
CA ILE A 100 1.13 5.30 -6.13
CA ILE A 100 1.11 5.25 -6.15
C ILE A 100 -0.26 5.65 -5.60
N ALA A 101 -0.85 6.74 -6.11
CA ALA A 101 -2.06 7.29 -5.46
C ALA A 101 -3.18 6.27 -5.21
N VAL A 102 -3.62 5.57 -6.26
CA VAL A 102 -4.77 4.68 -6.10
C VAL A 102 -4.33 3.32 -5.52
N GLY A 103 -3.03 3.04 -5.55
CA GLY A 103 -2.48 1.90 -4.82
C GLY A 103 -2.52 2.14 -3.31
N GLU A 104 -2.24 3.37 -2.89
CA GLU A 104 -2.42 3.75 -1.49
C GLU A 104 -3.85 3.46 -1.05
N TYR A 105 -4.80 3.88 -1.88
CA TYR A 105 -6.20 3.66 -1.54
C TYR A 105 -6.48 2.15 -1.48
N ALA A 106 -5.84 1.38 -2.34
CA ALA A 106 -6.00 -0.08 -2.29
C ALA A 106 -5.44 -0.61 -0.98
N ALA A 107 -4.42 0.05 -0.42
CA ALA A 107 -3.84 -0.43 0.82
C ALA A 107 -4.83 -0.33 1.99
N VAL A 108 -5.85 0.52 1.87
CA VAL A 108 -6.91 0.57 2.87
C VAL A 108 -7.48 -0.84 3.05
N THR A 109 -7.64 -1.54 1.94
CA THR A 109 -8.25 -2.86 1.94
C THR A 109 -7.35 -3.92 2.59
N GLY A 110 -6.04 -3.83 2.40
CA GLY A 110 -5.13 -4.71 3.13
C GLY A 110 -5.23 -4.51 4.63
N GLU A 111 -5.28 -3.25 5.03
CA GLU A 111 -5.45 -2.91 6.44
C GLU A 111 -6.82 -3.38 6.92
N GLY A 112 -7.85 -3.20 6.10
CA GLY A 112 -9.17 -3.66 6.44
C GLY A 112 -9.26 -5.16 6.62
N ARG A 113 -8.52 -5.90 5.79
CA ARG A 113 -8.48 -7.36 5.88
C ARG A 113 -7.99 -7.76 7.26
N MET A 114 -6.99 -7.05 7.78
CA MET A 114 -6.46 -7.34 9.11
C MET A 114 -7.43 -6.89 10.20
N ALA A 115 -8.05 -5.72 10.01
CA ALA A 115 -8.96 -5.17 11.02
C ALA A 115 -10.12 -6.12 11.28
N ARG A 116 -10.60 -6.80 10.24
CA ARG A 116 -11.67 -7.79 10.41
C ARG A 116 -11.15 -9.19 10.75
N PHE A 117 -10.09 -9.64 10.09
CA PHE A 117 -9.79 -11.08 10.12
C PHE A 117 -8.56 -11.50 10.92
N SER A 118 -7.80 -10.56 11.46
CA SER A 118 -6.66 -10.97 12.27
C SER A 118 -7.15 -11.47 13.63
N LYS A 119 -6.58 -12.57 14.11
CA LYS A 119 -6.92 -13.07 15.44
C LYS A 119 -6.24 -12.29 16.57
N ALA A 120 -5.32 -11.39 16.24
CA ALA A 120 -4.63 -10.58 17.24
C ALA A 120 -5.36 -9.25 17.47
N PRO A 121 -5.91 -9.05 18.68
CA PRO A 121 -6.67 -7.85 19.00
C PRO A 121 -5.89 -6.54 18.77
N GLY A 122 -4.62 -6.50 19.14
CA GLY A 122 -3.83 -5.29 18.92
C GLY A 122 -3.65 -4.99 17.43
N ASN A 123 -3.56 -6.03 16.63
CA ASN A 123 -3.43 -5.92 15.17
C ASN A 123 -4.73 -5.34 14.60
N ARG A 124 -5.87 -5.81 15.09
CA ARG A 124 -7.14 -5.29 14.58
C ARG A 124 -7.30 -3.80 14.84
N ASN A 125 -6.83 -3.33 16.00
CA ASN A 125 -6.90 -1.90 16.32
C ASN A 125 -5.88 -1.08 15.54
N MET A 126 -4.64 -1.57 15.47
CA MET A 126 -3.63 -0.82 14.72
C MET A 126 -3.98 -0.78 13.23
N ALA A 127 -4.62 -1.83 12.72
CA ALA A 127 -5.04 -1.87 11.32
C ALA A 127 -6.18 -0.89 11.04
N THR A 128 -6.94 -0.56 12.08
CA THR A 128 -7.99 0.44 11.96
C THR A 128 -7.37 1.83 11.73
N PHE A 129 -6.33 2.15 12.49
CA PHE A 129 -5.57 3.38 12.21
C PHE A 129 -4.85 3.28 10.88
N GLY A 130 -4.43 2.07 10.52
CA GLY A 130 -3.83 1.82 9.21
C GLY A 130 -4.80 2.10 8.06
N MET A 131 -6.05 1.70 8.22
CA MET A 131 -7.09 2.00 7.22
C MET A 131 -7.15 3.50 7.01
N MET A 132 -7.19 4.21 8.12
CA MET A 132 -7.28 5.66 8.10
C MET A 132 -6.04 6.29 7.48
N ASP A 133 -4.85 5.78 7.82
CA ASP A 133 -3.62 6.30 7.23
C ASP A 133 -3.63 6.19 5.72
N GLU A 134 -4.01 5.02 5.20
CA GLU A 134 -3.92 4.81 3.77
C GLU A 134 -4.99 5.65 3.05
N LEU A 135 -6.12 5.88 3.72
CA LEU A 135 -7.12 6.79 3.18
C LEU A 135 -6.50 8.18 3.03
N ARG A 136 -5.83 8.64 4.07
CA ARG A 136 -5.10 9.90 4.00
C ARG A 136 -4.16 9.92 2.79
N HIS A 137 -3.39 8.86 2.63
CA HIS A 137 -2.34 8.83 1.61
C HIS A 137 -2.94 8.82 0.21
N GLY A 138 -4.03 8.08 0.04
CA GLY A 138 -4.72 8.07 -1.24
C GLY A 138 -5.29 9.43 -1.57
N GLN A 139 -5.88 10.08 -0.57
CA GLN A 139 -6.54 11.37 -0.83
C GLN A 139 -5.50 12.48 -1.05
N LEU A 140 -4.44 12.49 -0.24
CA LEU A 140 -3.36 13.45 -0.47
C LEU A 140 -2.79 13.35 -1.88
N GLN A 141 -2.59 12.13 -2.37
CA GLN A 141 -1.84 11.96 -3.59
C GLN A 141 -2.74 11.98 -4.83
N LEU A 142 -4.04 12.19 -4.60
CA LEU A 142 -4.95 12.65 -5.66
C LEU A 142 -5.09 14.17 -5.60
N PHE A 143 -5.25 14.71 -4.40
CA PHE A 143 -5.45 16.15 -4.27
C PHE A 143 -4.26 16.97 -4.81
N PHE A 144 -3.05 16.53 -4.50
CA PHE A 144 -1.87 17.33 -4.83
C PHE A 144 -1.65 17.43 -6.33
N PRO A 145 -1.71 16.30 -7.05
CA PRO A 145 -1.54 16.44 -8.51
C PRO A 145 -2.76 17.03 -9.24
N HIS A 146 -3.92 17.09 -8.59
CA HIS A 146 -5.13 17.52 -9.28
C HIS A 146 -4.99 18.91 -9.90
N GLU A 147 -4.27 19.82 -9.24
CA GLU A 147 -4.15 21.16 -9.80
C GLU A 147 -3.38 21.17 -11.12
N TYR A 148 -2.65 20.10 -11.42
CA TYR A 148 -1.84 20.08 -12.64
C TYR A 148 -2.60 19.49 -13.83
N CYS A 149 -3.78 18.95 -13.57
CA CYS A 149 -4.63 18.45 -14.66
C CYS A 149 -4.77 19.52 -15.72
N LYS A 150 -5.03 20.75 -15.29
CA LYS A 150 -5.32 21.83 -16.25
C LYS A 150 -4.08 22.19 -17.08
N LYS A 151 -2.91 21.70 -16.66
CA LYS A 151 -1.68 22.01 -17.37
C LYS A 151 -1.23 20.89 -18.31
N ASP A 152 -1.53 19.64 -17.96
CA ASP A 152 -0.95 18.49 -18.66
C ASP A 152 -1.83 17.24 -18.45
N ARG A 153 -2.32 16.66 -19.54
CA ARG A 153 -3.24 15.53 -19.45
C ARG A 153 -2.59 14.30 -18.81
N GLN A 154 -1.27 14.25 -18.80
CA GLN A 154 -0.59 13.12 -18.19
C GLN A 154 -0.81 13.07 -16.67
N PHE A 155 -1.12 14.22 -16.05
CA PHE A 155 -1.40 14.19 -14.63
C PHE A 155 -2.77 13.58 -14.36
N ASP A 156 -3.59 13.42 -15.40
CA ASP A 156 -4.86 12.71 -15.23
C ASP A 156 -4.61 11.30 -14.74
N TRP A 157 -3.42 10.80 -15.01
CA TRP A 157 -3.11 9.41 -14.74
C TRP A 157 -2.86 9.17 -13.25
N ALA A 158 -2.78 10.25 -12.46
CA ALA A 158 -2.76 10.11 -11.01
C ALA A 158 -4.02 9.36 -10.58
N TRP A 159 -5.12 9.66 -11.27
CA TRP A 159 -6.37 8.95 -11.06
C TRP A 159 -6.53 7.75 -12.02
N ARG A 160 -6.19 7.93 -13.28
CA ARG A 160 -6.56 6.93 -14.29
C ARG A 160 -5.70 5.66 -14.32
N ALA A 161 -4.44 5.74 -13.89
CA ALA A 161 -3.50 4.65 -14.16
C ALA A 161 -4.03 3.29 -13.72
N TYR A 162 -4.53 3.19 -12.49
CA TYR A 162 -4.98 1.88 -11.99
C TYR A 162 -6.27 1.42 -12.65
N HIS A 163 -6.92 2.32 -13.38
CA HIS A 163 -8.11 1.96 -14.15
C HIS A 163 -7.72 1.51 -15.57
N SER A 164 -6.42 1.48 -15.84
CA SER A 164 -5.94 1.20 -17.21
C SER A 164 -5.29 -0.16 -17.33
N ASN A 165 -4.97 -0.53 -18.56
CA ASN A 165 -4.21 -1.73 -18.85
C ASN A 165 -2.83 -1.34 -19.36
N GLU A 166 -2.41 -0.12 -19.05
CA GLU A 166 -1.06 0.31 -19.39
C GLU A 166 -0.09 -0.61 -18.67
N TRP A 167 1.02 -0.97 -19.32
CA TRP A 167 1.82 -2.11 -18.86
C TRP A 167 2.42 -1.88 -17.47
N ALA A 168 2.81 -0.65 -17.16
CA ALA A 168 3.39 -0.39 -15.84
C ALA A 168 2.30 -0.42 -14.78
N ALA A 169 1.10 -0.01 -15.16
CA ALA A 169 -0.04 -0.05 -14.25
C ALA A 169 -0.40 -1.51 -13.94
N ILE A 170 -0.23 -2.38 -14.93
CA ILE A 170 -0.48 -3.80 -14.70
C ILE A 170 0.58 -4.36 -13.78
N ALA A 171 1.82 -3.90 -13.94
CA ALA A 171 2.88 -4.38 -13.06
C ALA A 171 2.58 -3.93 -11.61
N ALA A 172 2.14 -2.69 -11.46
CA ALA A 172 1.81 -2.18 -10.13
C ALA A 172 0.65 -2.97 -9.51
N LYS A 173 -0.40 -3.19 -10.29
CA LYS A 173 -1.59 -3.86 -9.76
C LYS A 173 -1.34 -5.33 -9.48
N HIS A 174 -0.52 -5.97 -10.31
CA HIS A 174 -0.19 -7.39 -10.11
C HIS A 174 0.55 -7.55 -8.79
N PHE A 175 1.44 -6.60 -8.50
CA PHE A 175 2.17 -6.63 -7.23
C PHE A 175 1.24 -6.32 -6.05
N PHE A 176 0.55 -5.20 -6.10
CA PHE A 176 -0.25 -4.78 -4.95
C PHE A 176 -1.43 -5.70 -4.71
N ASP A 177 -2.02 -6.22 -5.78
CA ASP A 177 -3.11 -7.17 -5.61
C ASP A 177 -2.58 -8.49 -5.03
N ASP A 178 -1.32 -8.82 -5.30
CA ASP A 178 -0.70 -10.03 -4.73
C ASP A 178 -0.37 -9.83 -3.25
N ILE A 179 0.20 -8.69 -2.87
CA ILE A 179 0.65 -8.54 -1.47
C ILE A 179 -0.31 -7.77 -0.56
N ILE A 180 -1.25 -7.03 -1.15
CA ILE A 180 -2.14 -6.18 -0.33
C ILE A 180 -3.57 -6.70 -0.29
N THR A 181 -4.17 -6.85 -1.46
CA THR A 181 -5.61 -7.09 -1.54
C THR A 181 -6.01 -8.53 -1.81
N GLY A 182 -5.05 -9.37 -2.20
CA GLY A 182 -5.36 -10.72 -2.65
C GLY A 182 -5.02 -11.87 -1.73
N ARG A 183 -4.65 -11.57 -0.48
CA ARG A 183 -4.28 -12.61 0.47
C ARG A 183 -4.87 -12.40 1.88
N ASP A 184 -4.73 -13.45 2.69
CA ASP A 184 -5.22 -13.46 4.07
C ASP A 184 -4.56 -12.39 4.93
N ALA A 185 -5.17 -12.12 6.08
CA ALA A 185 -4.71 -11.06 7.00
C ALA A 185 -3.25 -11.22 7.45
N ILE A 186 -2.83 -12.43 7.81
CA ILE A 186 -1.46 -12.60 8.27
C ILE A 186 -0.46 -12.42 7.11
N SER A 187 -0.83 -12.86 5.91
CA SER A 187 0.04 -12.60 4.75
C SER A 187 0.18 -11.10 4.48
N VAL A 188 -0.92 -10.36 4.62
CA VAL A 188 -0.82 -8.91 4.51
C VAL A 188 0.13 -8.36 5.59
N ALA A 189 -0.03 -8.79 6.84
CA ALA A 189 0.85 -8.32 7.91
C ALA A 189 2.34 -8.49 7.53
N ILE A 190 2.69 -9.65 6.98
CA ILE A 190 4.07 -9.97 6.66
C ILE A 190 4.57 -9.33 5.37
N MET A 191 3.79 -9.44 4.31
CA MET A 191 4.20 -9.01 2.98
C MET A 191 4.05 -7.50 2.78
N LEU A 192 2.95 -6.96 3.27
CA LEU A 192 2.74 -5.51 3.17
C LEU A 192 3.42 -4.76 4.32
N THR A 193 2.99 -4.97 5.56
CA THR A 193 3.43 -4.03 6.60
C THR A 193 4.91 -4.26 6.93
N PHE A 194 5.34 -5.50 7.04
CA PHE A 194 6.75 -5.71 7.31
C PHE A 194 7.60 -5.54 6.05
N SER A 195 7.40 -6.39 5.05
CA SER A 195 8.32 -6.44 3.93
C SER A 195 8.31 -5.16 3.10
N PHE A 196 7.14 -4.74 2.64
CA PHE A 196 7.06 -3.60 1.74
C PHE A 196 7.22 -2.27 2.48
N GLU A 197 6.50 -2.14 3.60
CA GLU A 197 6.38 -0.83 4.28
C GLU A 197 7.51 -0.50 5.27
N THR A 198 8.26 -1.48 5.76
CA THR A 198 9.47 -1.14 6.52
C THR A 198 10.68 -1.25 5.59
N GLY A 199 10.49 -1.91 4.46
CA GLY A 199 11.59 -2.17 3.56
C GLY A 199 11.73 -1.17 2.43
N PHE A 200 10.82 -1.23 1.48
CA PHE A 200 11.05 -0.53 0.23
C PHE A 200 10.45 0.86 0.15
N THR A 201 9.34 1.13 0.83
CA THR A 201 8.72 2.43 0.61
C THR A 201 9.62 3.59 1.04
N ASN A 202 10.58 3.35 1.94
CA ASN A 202 11.54 4.39 2.30
C ASN A 202 12.32 4.92 1.07
N MET A 203 12.59 4.05 0.11
CA MET A 203 13.23 4.48 -1.12
C MET A 203 12.44 5.56 -1.86
N GLN A 204 11.14 5.35 -2.01
CA GLN A 204 10.31 6.23 -2.82
C GLN A 204 9.77 7.45 -2.05
N PHE A 205 9.65 7.33 -0.73
CA PHE A 205 9.05 8.40 0.06
C PHE A 205 10.07 9.18 0.90
N LEU A 206 11.32 8.69 0.99
CA LEU A 206 12.36 9.42 1.69
C LEU A 206 13.61 9.59 0.81
N GLY A 207 14.05 8.52 0.17
CA GLY A 207 15.15 8.66 -0.78
C GLY A 207 14.79 9.71 -1.83
N LEU A 208 13.62 9.53 -2.43
CA LEU A 208 13.15 10.47 -3.43
C LEU A 208 12.92 11.86 -2.84
N ALA A 209 12.52 11.93 -1.56
CA ALA A 209 12.32 13.25 -0.94
C ALA A 209 13.63 14.02 -0.90
N ALA A 210 14.73 13.30 -0.68
CA ALA A 210 16.04 13.93 -0.64
C ALA A 210 16.32 14.60 -1.99
N ASP A 211 16.05 13.87 -3.07
CA ASP A 211 16.25 14.40 -4.40
C ASP A 211 15.30 15.57 -4.68
N ALA A 212 14.06 15.46 -4.17
CA ALA A 212 13.08 16.53 -4.35
C ALA A 212 13.53 17.81 -3.63
N ALA A 213 14.11 17.66 -2.45
CA ALA A 213 14.61 18.82 -1.73
C ALA A 213 15.78 19.44 -2.50
N GLU A 214 16.66 18.60 -3.07
CA GLU A 214 17.77 19.14 -3.85
C GLU A 214 17.22 19.89 -5.08
N ALA A 215 16.15 19.35 -5.65
CA ALA A 215 15.51 19.95 -6.83
C ALA A 215 14.66 21.17 -6.47
N GLY A 216 14.55 21.47 -5.18
CA GLY A 216 13.79 22.63 -4.72
C GLY A 216 12.28 22.50 -4.78
N ASP A 217 11.79 21.27 -4.79
CA ASP A 217 10.35 20.99 -4.78
C ASP A 217 9.93 20.59 -3.37
N TYR A 218 9.71 21.59 -2.52
CA TYR A 218 9.45 21.30 -1.10
C TYR A 218 8.01 20.89 -0.86
N THR A 219 7.12 21.29 -1.75
CA THR A 219 5.74 20.81 -1.64
C THR A 219 5.71 19.29 -1.69
N PHE A 220 6.46 18.72 -2.63
CA PHE A 220 6.49 17.27 -2.79
C PHE A 220 7.30 16.59 -1.69
N ALA A 221 8.50 17.10 -1.42
CA ALA A 221 9.36 16.51 -0.40
C ALA A 221 8.64 16.50 0.95
N ASN A 222 8.01 17.62 1.27
CA ASN A 222 7.28 17.75 2.53
C ASN A 222 6.10 16.78 2.58
N LEU A 223 5.39 16.65 1.47
CA LEU A 223 4.26 15.72 1.38
C LEU A 223 4.68 14.28 1.66
N ILE A 224 5.63 13.77 0.88
CA ILE A 224 5.91 12.33 0.96
C ILE A 224 6.61 11.97 2.26
N SER A 225 7.39 12.90 2.83
CA SER A 225 8.02 12.58 4.13
C SER A 225 6.97 12.60 5.25
N SER A 226 5.95 13.44 5.14
CA SER A 226 4.86 13.41 6.13
C SER A 226 4.09 12.09 6.04
N ILE A 227 3.82 11.67 4.81
CA ILE A 227 3.16 10.38 4.58
C ILE A 227 3.95 9.25 5.26
N GLN A 228 5.28 9.31 5.15
CA GLN A 228 6.07 8.19 5.64
C GLN A 228 6.06 8.15 7.18
N THR A 229 5.74 9.25 7.83
CA THR A 229 5.62 9.21 9.29
C THR A 229 4.46 8.30 9.73
N ASP A 230 3.41 8.22 8.91
CA ASP A 230 2.32 7.29 9.17
C ASP A 230 2.74 5.85 8.92
N GLU A 231 3.39 5.66 7.76
CA GLU A 231 3.96 4.38 7.38
C GLU A 231 4.76 3.80 8.53
N SER A 232 5.62 4.64 9.11
CA SER A 232 6.55 4.16 10.13
C SER A 232 5.80 3.60 11.32
N ARG A 233 4.60 4.10 11.59
CA ARG A 233 3.78 3.59 12.69
C ARG A 233 3.01 2.32 12.29
N HIS A 234 2.23 2.36 11.20
CA HIS A 234 1.40 1.17 10.94
C HIS A 234 2.22 0.01 10.35
N ALA A 235 3.41 0.28 9.83
CA ALA A 235 4.28 -0.81 9.33
C ALA A 235 4.72 -1.72 10.48
N GLN A 236 4.69 -1.19 11.70
CA GLN A 236 5.11 -1.95 12.88
C GLN A 236 4.09 -2.97 13.32
N GLN A 237 3.11 -3.25 12.47
CA GLN A 237 2.19 -4.39 12.71
C GLN A 237 2.80 -5.73 12.32
N GLY A 238 3.78 -5.70 11.41
CA GLY A 238 4.32 -6.92 10.85
C GLY A 238 5.28 -7.65 11.77
N GLY A 239 6.18 -6.91 12.40
CA GLY A 239 7.17 -7.50 13.29
C GLY A 239 6.60 -8.42 14.37
N PRO A 240 5.63 -7.93 15.15
CA PRO A 240 5.02 -8.78 16.17
C PRO A 240 4.30 -10.01 15.60
N ALA A 241 3.72 -9.88 14.41
CA ALA A 241 3.10 -11.04 13.75
C ALA A 241 4.17 -12.08 13.41
N LEU A 242 5.29 -11.63 12.86
CA LEU A 242 6.40 -12.52 12.52
C LEU A 242 6.96 -13.22 13.75
N GLN A 243 7.13 -12.47 14.83
CA GLN A 243 7.70 -13.03 16.05
C GLN A 243 6.74 -14.08 16.61
N LEU A 244 5.44 -13.81 16.50
CA LEU A 244 4.43 -14.75 16.96
C LEU A 244 4.44 -16.04 16.13
N LEU A 245 4.55 -15.90 14.81
CA LEU A 245 4.62 -17.07 13.94
C LEU A 245 5.84 -17.92 14.28
N ILE A 246 6.98 -17.28 14.50
CA ILE A 246 8.20 -18.02 14.81
C ILE A 246 8.03 -18.77 16.12
N GLU A 247 7.46 -18.10 17.11
CA GLU A 247 7.25 -18.74 18.42
C GLU A 247 6.33 -19.95 18.34
N ASN A 248 5.45 -19.96 17.34
CA ASN A 248 4.45 -21.01 17.22
C ASN A 248 4.78 -21.98 16.09
N GLY A 249 6.06 -22.09 15.77
CA GLY A 249 6.53 -23.12 14.86
C GLY A 249 6.29 -22.90 13.37
N LYS A 250 6.11 -21.64 12.98
CA LYS A 250 5.84 -21.31 11.59
C LYS A 250 6.95 -20.47 10.97
N ARG A 251 8.18 -20.62 11.46
CA ARG A 251 9.29 -19.86 10.93
C ARG A 251 9.42 -20.02 9.41
N GLU A 252 9.41 -21.26 8.94
CA GLU A 252 9.59 -21.54 7.52
CA GLU A 252 9.60 -21.52 7.52
C GLU A 252 8.54 -20.81 6.67
N GLU A 253 7.29 -20.87 7.13
CA GLU A 253 6.21 -20.23 6.38
C GLU A 253 6.38 -18.72 6.35
N ALA A 254 6.75 -18.15 7.50
CA ALA A 254 7.01 -16.72 7.62
C ALA A 254 8.17 -16.28 6.71
N GLN A 255 9.28 -16.99 6.79
CA GLN A 255 10.44 -16.68 5.95
C GLN A 255 10.08 -16.71 4.46
N LYS A 256 9.29 -17.69 4.03
CA LYS A 256 8.96 -17.78 2.60
C LYS A 256 8.17 -16.58 2.14
N LYS A 257 7.26 -16.10 3.00
CA LYS A 257 6.43 -14.95 2.64
C LYS A 257 7.24 -13.68 2.57
N VAL A 258 8.16 -13.49 3.51
CA VAL A 258 9.07 -12.35 3.48
C VAL A 258 9.94 -12.40 2.24
N ASP A 259 10.55 -13.56 1.96
CA ASP A 259 11.40 -13.71 0.78
C ASP A 259 10.66 -13.33 -0.51
N MET A 260 9.44 -13.83 -0.64
CA MET A 260 8.63 -13.57 -1.82
C MET A 260 8.31 -12.06 -1.95
N ALA A 261 7.86 -11.45 -0.87
CA ALA A 261 7.41 -10.06 -0.92
C ALA A 261 8.54 -9.09 -1.22
N ILE A 262 9.72 -9.35 -0.64
CA ILE A 262 10.87 -8.48 -0.86
CA ILE A 262 10.88 -8.49 -0.86
C ILE A 262 11.27 -8.51 -2.33
N TRP A 263 11.32 -9.69 -2.92
CA TRP A 263 11.73 -9.79 -4.33
C TRP A 263 10.70 -9.12 -5.23
N ARG A 264 9.41 -9.36 -4.98
CA ARG A 264 8.38 -8.75 -5.81
C ARG A 264 8.44 -7.22 -5.71
N ALA A 265 8.65 -6.71 -4.52
CA ALA A 265 8.78 -5.27 -4.32
C ALA A 265 10.00 -4.73 -5.07
N TRP A 266 11.10 -5.47 -4.98
CA TRP A 266 12.35 -5.07 -5.63
C TRP A 266 12.17 -4.85 -7.13
N ARG A 267 11.53 -5.79 -7.82
CA ARG A 267 11.43 -5.67 -9.27
C ARG A 267 10.57 -4.46 -9.65
N LEU A 268 9.51 -4.21 -8.89
CA LEU A 268 8.67 -3.04 -9.17
C LEU A 268 9.44 -1.76 -8.90
N PHE A 269 10.13 -1.67 -7.76
CA PHE A 269 10.84 -0.42 -7.48
C PHE A 269 12.05 -0.21 -8.41
N ALA A 270 12.59 -1.28 -8.97
CA ALA A 270 13.69 -1.14 -9.92
C ALA A 270 13.22 -0.44 -11.20
N VAL A 271 11.95 -0.61 -11.56
CA VAL A 271 11.47 0.04 -12.79
C VAL A 271 10.88 1.42 -12.49
N LEU A 272 10.41 1.65 -11.27
CA LEU A 272 9.83 2.94 -10.91
C LEU A 272 10.87 3.92 -10.36
N THR A 273 11.53 3.50 -9.29
CA THR A 273 12.44 4.37 -8.56
C THR A 273 13.84 4.42 -9.18
N GLY A 274 14.30 3.31 -9.74
CA GLY A 274 15.62 3.26 -10.32
C GLY A 274 15.87 4.33 -11.39
N PRO A 275 15.02 4.38 -12.42
CA PRO A 275 15.23 5.36 -13.49
C PRO A 275 15.07 6.80 -12.98
N VAL A 276 14.19 6.99 -12.00
CA VAL A 276 14.01 8.31 -11.41
C VAL A 276 15.30 8.80 -10.77
N MET A 277 15.91 7.95 -9.96
CA MET A 277 17.05 8.38 -9.17
C MET A 277 18.34 8.53 -9.98
N ASP A 278 18.51 7.72 -11.02
CA ASP A 278 19.77 7.73 -11.74
C ASP A 278 19.70 8.41 -13.11
N TYR A 279 18.49 8.76 -13.56
CA TYR A 279 18.36 9.35 -14.90
C TYR A 279 17.40 10.56 -14.98
N TYR A 280 16.18 10.43 -14.44
CA TYR A 280 15.21 11.54 -14.58
C TYR A 280 15.59 12.73 -13.71
N THR A 281 15.99 12.44 -12.47
CA THR A 281 16.39 13.48 -11.55
C THR A 281 17.64 14.17 -12.11
N PRO A 282 17.60 15.50 -12.21
CA PRO A 282 18.78 16.18 -12.75
C PRO A 282 20.03 15.81 -11.98
N LEU A 283 21.14 15.64 -12.70
CA LEU A 283 22.40 15.22 -12.11
C LEU A 283 22.73 15.99 -10.83
N GLU A 284 22.54 17.30 -10.86
CA GLU A 284 22.91 18.15 -9.73
C GLU A 284 22.04 17.88 -8.52
N ASP A 285 20.92 17.19 -8.73
CA ASP A 285 19.97 16.94 -7.64
C ASP A 285 20.01 15.51 -7.12
N ARG A 286 20.96 14.72 -7.61
CA ARG A 286 21.05 13.32 -7.20
C ARG A 286 21.81 13.20 -5.88
N SER A 287 21.05 13.14 -4.78
CA SER A 287 21.62 13.14 -3.44
C SER A 287 22.57 11.96 -3.29
N GLN A 288 22.10 10.80 -3.75
CA GLN A 288 22.88 9.57 -3.82
C GLN A 288 22.42 8.82 -5.05
N SER A 289 23.20 7.86 -5.51
CA SER A 289 22.75 6.98 -6.59
C SER A 289 21.69 6.01 -6.09
N PHE A 290 20.96 5.41 -7.02
CA PHE A 290 19.97 4.38 -6.68
C PHE A 290 20.61 3.27 -5.84
N LYS A 291 21.78 2.80 -6.24
CA LYS A 291 22.46 1.74 -5.49
C LYS A 291 22.86 2.21 -4.10
N GLU A 292 23.37 3.43 -4.00
CA GLU A 292 23.73 3.98 -2.69
C GLU A 292 22.50 4.04 -1.78
N PHE A 293 21.38 4.50 -2.32
CA PHE A 293 20.16 4.53 -1.52
C PHE A 293 19.72 3.11 -1.14
N MET A 294 19.88 2.15 -2.05
CA MET A 294 19.53 0.76 -1.73
C MET A 294 20.39 0.25 -0.58
N TYR A 295 21.68 0.58 -0.58
CA TYR A 295 22.55 0.07 0.47
C TYR A 295 22.26 0.75 1.81
N GLU A 296 21.79 1.99 1.77
CA GLU A 296 21.37 2.68 2.98
C GLU A 296 20.08 2.07 3.52
N TRP A 297 19.05 2.04 2.67
CA TRP A 297 17.70 1.73 3.15
C TRP A 297 17.38 0.23 3.22
N ILE A 298 17.80 -0.53 2.22
CA ILE A 298 17.41 -1.94 2.14
C ILE A 298 18.45 -2.85 2.80
N ILE A 299 19.72 -2.62 2.52
CA ILE A 299 20.76 -3.46 3.09
C ILE A 299 21.09 -3.02 4.52
N GLY A 300 21.48 -1.76 4.67
CA GLY A 300 21.90 -1.27 5.97
C GLY A 300 20.80 -1.21 7.02
N GLN A 301 19.62 -0.75 6.63
CA GLN A 301 18.56 -0.60 7.61
C GLN A 301 17.64 -1.83 7.58
N PHE A 302 16.95 -2.05 6.47
CA PHE A 302 15.93 -3.11 6.49
C PHE A 302 16.50 -4.52 6.75
N GLU A 303 17.52 -4.95 6.01
CA GLU A 303 17.97 -6.33 6.17
C GLU A 303 18.53 -6.56 7.57
N ARG A 304 19.09 -5.52 8.18
CA ARG A 304 19.59 -5.64 9.55
C ARG A 304 18.43 -5.82 10.53
N SER A 305 17.32 -5.11 10.29
CA SER A 305 16.13 -5.28 11.12
C SER A 305 15.55 -6.69 10.99
N LEU A 306 15.61 -7.26 9.79
CA LEU A 306 15.07 -8.58 9.52
C LEU A 306 15.86 -9.61 10.36
N ILE A 307 17.17 -9.45 10.37
CA ILE A 307 18.04 -10.32 11.14
CA ILE A 307 18.05 -10.30 11.14
C ILE A 307 17.75 -10.17 12.63
N ASP A 308 17.56 -8.92 13.08
CA ASP A 308 17.36 -8.70 14.51
C ASP A 308 16.08 -9.38 15.00
N LEU A 309 15.09 -9.51 14.13
CA LEU A 309 13.84 -10.15 14.52
C LEU A 309 13.89 -11.68 14.51
N GLY A 310 14.98 -12.24 14.02
CA GLY A 310 15.14 -13.69 14.02
C GLY A 310 14.99 -14.40 12.69
N LEU A 311 14.82 -13.63 11.62
CA LEU A 311 14.75 -14.22 10.28
C LEU A 311 16.13 -14.32 9.66
N ASP A 312 16.23 -15.03 8.56
CA ASP A 312 17.50 -15.17 7.84
C ASP A 312 17.55 -14.27 6.64
N LYS A 313 18.76 -13.94 6.17
CA LYS A 313 18.91 -13.33 4.86
C LYS A 313 18.18 -14.19 3.84
N PRO A 314 17.52 -13.56 2.87
CA PRO A 314 16.85 -14.36 1.84
C PRO A 314 17.83 -15.26 1.08
N TRP A 315 17.36 -16.42 0.65
CA TRP A 315 18.20 -17.36 -0.08
C TRP A 315 18.85 -16.73 -1.31
N TYR A 316 18.17 -15.77 -1.92
CA TYR A 316 18.62 -15.16 -3.17
C TYR A 316 19.52 -13.95 -2.96
N TRP A 317 20.07 -13.80 -1.75
CA TRP A 317 20.86 -12.64 -1.39
C TRP A 317 21.87 -12.19 -2.45
N ASP A 318 22.71 -13.12 -2.90
CA ASP A 318 23.76 -12.72 -3.84
C ASP A 318 23.19 -12.34 -5.21
N LEU A 319 22.09 -12.99 -5.61
CA LEU A 319 21.42 -12.60 -6.86
C LEU A 319 20.91 -11.17 -6.74
N PHE A 320 20.37 -10.86 -5.56
CA PHE A 320 19.80 -9.56 -5.26
C PHE A 320 20.87 -8.49 -5.41
N LEU A 321 22.04 -8.75 -4.84
CA LEU A 321 23.13 -7.77 -4.86
C LEU A 321 23.61 -7.48 -6.28
N LYS A 322 23.70 -8.53 -7.10
CA LYS A 322 24.09 -8.38 -8.48
C LYS A 322 23.04 -7.57 -9.24
N ASP A 323 21.77 -7.83 -8.95
CA ASP A 323 20.66 -7.14 -9.58
C ASP A 323 20.67 -5.63 -9.30
N ILE A 324 21.04 -5.25 -8.08
CA ILE A 324 21.13 -3.83 -7.73
C ILE A 324 22.15 -3.12 -8.62
N ASP A 325 23.18 -3.84 -9.06
CA ASP A 325 24.19 -3.24 -9.93
C ASP A 325 23.70 -3.09 -11.37
N GLU A 326 22.68 -3.85 -11.75
CA GLU A 326 22.41 -4.08 -13.17
C GLU A 326 20.99 -3.81 -13.64
N LEU A 327 19.99 -4.26 -12.88
CA LEU A 327 18.63 -4.33 -13.39
C LEU A 327 18.04 -2.99 -13.82
N HIS A 328 18.16 -1.96 -12.98
CA HIS A 328 17.43 -0.73 -13.26
C HIS A 328 18.02 0.01 -14.46
N HIS A 329 19.30 -0.22 -14.75
CA HIS A 329 19.91 0.40 -15.92
C HIS A 329 19.20 -0.08 -17.18
N SER A 330 18.85 -1.37 -17.16
CA SER A 330 18.14 -1.97 -18.30
C SER A 330 16.66 -1.65 -18.29
N TYR A 331 16.04 -1.61 -17.11
CA TYR A 331 14.64 -1.23 -17.04
C TYR A 331 14.48 0.22 -17.55
N HIS A 332 15.44 1.08 -17.20
CA HIS A 332 15.41 2.46 -17.67
C HIS A 332 15.46 2.51 -19.19
N MET A 333 16.38 1.74 -19.76
CA MET A 333 16.55 1.71 -21.20
C MET A 333 15.24 1.26 -21.87
N GLY A 334 14.58 0.28 -21.26
CA GLY A 334 13.34 -0.23 -21.80
C GLY A 334 12.20 0.78 -21.72
N VAL A 335 12.09 1.45 -20.58
CA VAL A 335 11.04 2.45 -20.41
C VAL A 335 11.26 3.59 -21.40
N TRP A 336 12.52 3.97 -21.59
CA TRP A 336 12.81 5.09 -22.48
C TRP A 336 12.62 4.72 -23.96
N TYR A 337 13.08 3.54 -24.37
CA TYR A 337 12.93 3.18 -25.78
C TYR A 337 11.45 2.99 -26.11
N TRP A 338 10.69 2.44 -25.17
CA TRP A 338 9.25 2.27 -25.34
C TRP A 338 8.49 3.39 -24.63
N ARG A 339 9.11 4.56 -24.57
CA ARG A 339 8.53 5.70 -23.84
C ARG A 339 7.10 6.00 -24.27
N THR A 340 6.74 5.69 -25.52
CA THR A 340 5.42 6.03 -26.00
C THR A 340 4.32 5.22 -25.29
N THR A 341 4.73 4.19 -24.54
CA THR A 341 3.79 3.35 -23.79
C THR A 341 3.61 3.81 -22.35
N ALA A 342 4.37 4.81 -21.95
CA ALA A 342 4.33 5.35 -20.59
C ALA A 342 3.42 6.58 -20.51
N TRP A 343 3.02 6.97 -19.30
CA TRP A 343 2.20 8.17 -19.14
C TRP A 343 3.03 9.35 -18.62
N TRP A 344 4.35 9.15 -18.55
CA TRP A 344 5.29 10.20 -18.22
C TRP A 344 6.33 10.29 -19.34
N ASN A 345 7.12 11.35 -19.34
CA ASN A 345 8.12 11.53 -20.37
C ASN A 345 9.51 11.20 -19.84
N PRO A 346 10.00 9.99 -20.13
CA PRO A 346 11.31 9.55 -19.62
C PRO A 346 12.43 10.46 -20.09
N ALA A 347 13.35 10.82 -19.19
CA ALA A 347 14.57 11.51 -19.58
C ALA A 347 15.66 10.48 -19.87
N ALA A 348 16.36 10.65 -20.99
CA ALA A 348 17.40 9.70 -21.38
C ALA A 348 18.53 9.68 -20.35
N GLY A 349 18.95 10.86 -19.90
CA GLY A 349 19.99 10.97 -18.89
C GLY A 349 21.37 10.43 -19.25
N VAL A 350 21.80 10.62 -20.50
CA VAL A 350 23.11 10.13 -20.91
C VAL A 350 23.93 11.21 -21.65
N THR A 351 23.85 12.44 -21.19
CA THR A 351 24.80 13.46 -21.61
C THR A 351 26.16 13.02 -21.07
N PRO A 352 27.25 13.43 -21.73
CA PRO A 352 28.58 13.01 -21.28
C PRO A 352 28.79 13.20 -19.77
N GLU A 353 28.28 14.31 -19.24
CA GLU A 353 28.47 14.62 -17.83
C GLU A 353 27.78 13.58 -16.94
N GLU A 354 26.63 13.11 -17.40
CA GLU A 354 25.89 12.08 -16.68
C GLU A 354 26.55 10.73 -16.84
N ARG A 355 27.11 10.48 -18.02
CA ARG A 355 27.75 9.20 -18.27
C ARG A 355 29.00 9.05 -17.42
N ASP A 356 29.68 10.17 -17.14
CA ASP A 356 30.80 10.17 -16.22
C ASP A 356 30.36 9.84 -14.79
N TRP A 357 29.21 10.37 -14.39
CA TRP A 357 28.65 10.09 -13.08
C TRP A 357 28.26 8.62 -12.98
N LEU A 358 27.56 8.14 -14.01
CA LEU A 358 27.16 6.73 -14.03
C LEU A 358 28.38 5.81 -13.96
N GLU A 359 29.45 6.17 -14.67
CA GLU A 359 30.63 5.32 -14.69
C GLU A 359 31.28 5.30 -13.31
N GLU A 360 31.18 6.42 -12.60
CA GLU A 360 31.73 6.50 -11.25
C GLU A 360 30.89 5.70 -10.26
N LYS A 361 29.57 5.74 -10.42
CA LYS A 361 28.67 5.04 -9.50
C LYS A 361 28.52 3.56 -9.85
N TYR A 362 28.84 3.21 -11.11
CA TYR A 362 28.72 1.85 -11.60
C TYR A 362 29.85 1.51 -12.56
N PRO A 363 31.06 1.29 -12.04
CA PRO A 363 32.22 1.09 -12.92
C PRO A 363 31.93 0.03 -13.98
N GLY A 364 32.19 0.35 -15.24
CA GLY A 364 31.89 -0.55 -16.34
C GLY A 364 30.63 -0.23 -17.13
N TRP A 365 29.92 0.81 -16.70
CA TRP A 365 28.65 1.20 -17.29
C TRP A 365 28.78 1.53 -18.78
N ASN A 366 29.83 2.27 -19.14
CA ASN A 366 29.97 2.71 -20.52
C ASN A 366 30.27 1.57 -21.48
N LYS A 367 30.91 0.52 -20.98
CA LYS A 367 31.22 -0.65 -21.80
C LYS A 367 30.02 -1.59 -21.88
N ARG A 368 28.98 -1.29 -21.11
CA ARG A 368 27.76 -2.08 -21.12
C ARG A 368 26.59 -1.30 -21.70
N TRP A 369 25.81 -0.64 -20.85
CA TRP A 369 24.65 0.10 -21.32
C TRP A 369 25.07 1.23 -22.25
N GLY A 370 26.23 1.80 -22.00
CA GLY A 370 26.76 2.85 -22.85
C GLY A 370 26.89 2.45 -24.31
N ARG A 371 27.15 1.17 -24.57
CA ARG A 371 27.22 0.68 -25.96
C ARG A 371 25.89 0.89 -26.68
N CYS A 372 24.79 0.68 -25.95
CA CYS A 372 23.46 0.90 -26.51
C CYS A 372 23.15 2.38 -26.68
N TRP A 373 23.48 3.17 -25.66
CA TRP A 373 23.23 4.60 -25.70
C TRP A 373 24.11 5.27 -26.74
N ASP A 374 25.25 4.67 -27.05
CA ASP A 374 26.12 5.14 -28.14
C ASP A 374 25.39 5.07 -29.49
N VAL A 375 24.75 3.93 -29.73
CA VAL A 375 24.01 3.75 -30.99
C VAL A 375 22.86 4.75 -31.05
N ILE A 376 22.08 4.80 -29.98
CA ILE A 376 20.95 5.71 -29.90
C ILE A 376 21.38 7.17 -30.10
N THR A 377 22.46 7.55 -29.44
CA THR A 377 22.93 8.93 -29.52
C THR A 377 23.35 9.28 -30.95
N GLU A 378 24.02 8.35 -31.63
CA GLU A 378 24.43 8.54 -33.02
C GLU A 378 23.22 8.79 -33.92
N ASN A 379 22.19 7.96 -33.76
CA ASN A 379 20.98 8.09 -34.56
C ASN A 379 20.32 9.44 -34.30
N VAL A 380 20.28 9.87 -33.05
CA VAL A 380 19.68 11.18 -32.73
C VAL A 380 20.45 12.29 -33.44
N LEU A 381 21.77 12.25 -33.35
CA LEU A 381 22.62 13.29 -33.95
C LEU A 381 22.53 13.30 -35.47
N ASN A 382 22.03 12.22 -36.07
CA ASN A 382 21.90 12.16 -37.52
C ASN A 382 20.43 12.15 -37.93
N ASP A 383 19.58 12.54 -36.99
CA ASP A 383 18.13 12.62 -37.19
C ASP A 383 17.53 11.38 -37.85
N ARG A 384 18.02 10.20 -37.45
CA ARG A 384 17.38 8.95 -37.82
C ARG A 384 16.41 8.53 -36.71
N MET A 385 15.38 9.34 -36.50
CA MET A 385 14.47 9.17 -35.36
C MET A 385 13.64 7.90 -35.46
N ASP A 386 13.55 7.33 -36.66
CA ASP A 386 12.81 6.09 -36.84
C ASP A 386 13.49 4.93 -36.10
N LEU A 387 14.80 5.05 -35.88
CA LEU A 387 15.56 3.99 -35.20
C LEU A 387 15.55 4.19 -33.68
N VAL A 388 14.90 5.26 -33.23
CA VAL A 388 14.81 5.55 -31.81
CA VAL A 388 14.81 5.54 -31.80
C VAL A 388 13.39 5.28 -31.30
N SER A 389 12.59 4.65 -32.15
CA SER A 389 11.23 4.26 -31.76
C SER A 389 10.98 2.83 -32.19
N PRO A 390 10.42 2.01 -31.27
CA PRO A 390 10.26 0.58 -31.50
C PRO A 390 9.08 0.23 -32.41
N GLU A 391 9.19 -0.91 -33.08
CA GLU A 391 8.11 -1.38 -33.92
C GLU A 391 7.62 -2.76 -33.53
N THR A 392 8.03 -3.22 -32.34
CA THR A 392 7.51 -4.45 -31.78
C THR A 392 7.35 -4.30 -30.28
N LEU A 393 6.90 -5.36 -29.62
CA LEU A 393 6.74 -5.35 -28.16
CA LEU A 393 6.74 -5.34 -28.16
C LEU A 393 7.88 -6.10 -27.49
N PRO A 394 8.28 -5.63 -26.30
CA PRO A 394 9.23 -6.40 -25.50
C PRO A 394 8.58 -7.66 -24.97
N SER A 395 9.37 -8.70 -24.73
CA SER A 395 8.87 -9.88 -24.04
C SER A 395 8.74 -9.53 -22.57
N VAL A 396 7.72 -10.06 -21.90
CA VAL A 396 7.38 -9.61 -20.55
C VAL A 396 7.39 -10.76 -19.54
N CYS A 397 7.81 -10.47 -18.30
CA CYS A 397 7.85 -11.45 -17.22
C CYS A 397 6.44 -11.84 -16.78
N ASN A 398 6.20 -13.14 -16.62
CA ASN A 398 4.89 -13.61 -16.19
C ASN A 398 4.66 -13.41 -14.70
N MET A 399 5.68 -12.94 -13.98
CA MET A 399 5.48 -12.54 -12.59
C MET A 399 5.47 -11.02 -12.47
N SER A 400 6.61 -10.37 -12.71
CA SER A 400 6.71 -8.93 -12.46
C SER A 400 5.94 -8.08 -13.47
N GLN A 401 5.60 -8.65 -14.63
CA GLN A 401 4.93 -7.90 -15.71
C GLN A 401 5.83 -6.83 -16.32
N ILE A 402 7.14 -6.95 -16.12
CA ILE A 402 8.09 -5.99 -16.65
C ILE A 402 8.92 -6.69 -17.73
N PRO A 403 9.34 -5.96 -18.75
CA PRO A 403 10.11 -6.61 -19.82
C PRO A 403 11.32 -7.43 -19.34
N LEU A 404 11.64 -8.47 -20.09
CA LEU A 404 12.75 -9.38 -19.80
C LEU A 404 14.07 -8.79 -20.30
N VAL A 405 15.00 -8.53 -19.39
CA VAL A 405 16.22 -7.80 -19.72
C VAL A 405 17.48 -8.53 -19.26
N GLY A 406 18.63 -7.97 -19.61
CA GLY A 406 19.92 -8.48 -19.18
C GLY A 406 20.99 -7.42 -19.29
N VAL A 407 22.26 -7.82 -19.31
CA VAL A 407 23.35 -6.87 -19.42
C VAL A 407 23.77 -6.77 -20.87
N PRO A 408 23.74 -5.57 -21.46
CA PRO A 408 24.10 -5.40 -22.87
C PRO A 408 25.59 -5.15 -23.06
N GLY A 409 26.02 -4.99 -24.30
CA GLY A 409 27.36 -4.49 -24.56
C GLY A 409 28.46 -5.53 -24.59
N ASP A 410 29.60 -5.16 -24.01
CA ASP A 410 30.84 -5.92 -24.17
C ASP A 410 30.82 -7.31 -23.52
N ASP A 411 30.21 -7.43 -22.34
CA ASP A 411 30.08 -8.77 -21.76
C ASP A 411 28.62 -9.17 -21.63
N TRP A 412 27.92 -9.07 -22.77
CA TRP A 412 26.52 -9.46 -22.91
C TRP A 412 26.13 -10.71 -22.15
N ASN A 413 25.05 -10.61 -21.39
CA ASN A 413 24.47 -11.77 -20.71
CA ASN A 413 24.48 -11.77 -20.71
C ASN A 413 23.01 -11.51 -20.40
N ILE A 414 22.15 -12.39 -20.89
CA ILE A 414 20.72 -12.27 -20.63
C ILE A 414 20.14 -13.66 -20.43
N GLU A 415 19.35 -13.83 -19.37
CA GLU A 415 18.73 -15.11 -19.13
C GLU A 415 17.24 -15.00 -18.84
N VAL A 416 16.47 -15.85 -19.49
CA VAL A 416 15.06 -16.03 -19.24
C VAL A 416 14.89 -17.34 -18.48
N PHE A 417 14.06 -17.33 -17.44
CA PHE A 417 13.81 -18.54 -16.65
C PHE A 417 12.40 -19.06 -16.91
N SER A 418 12.31 -20.13 -17.68
CA SER A 418 11.02 -20.58 -18.20
C SER A 418 10.46 -21.77 -17.45
N LEU A 419 9.16 -22.01 -17.66
CA LEU A 419 8.46 -23.03 -16.90
C LEU A 419 7.25 -23.53 -17.67
N GLU A 420 7.17 -24.83 -17.87
CA GLU A 420 5.93 -25.44 -18.36
C GLU A 420 5.07 -25.81 -17.17
N HIS A 421 3.79 -25.49 -17.24
CA HIS A 421 2.89 -25.73 -16.11
C HIS A 421 1.45 -25.79 -16.57
N ASN A 422 0.81 -26.93 -16.29
CA ASN A 422 -0.59 -27.12 -16.67
C ASN A 422 -0.81 -26.84 -18.15
N GLY A 423 0.10 -27.32 -18.99
CA GLY A 423 -0.05 -27.19 -20.43
C GLY A 423 0.19 -25.80 -20.99
N ARG A 424 0.91 -24.96 -20.24
CA ARG A 424 1.23 -23.63 -20.70
C ARG A 424 2.70 -23.28 -20.46
N LEU A 425 3.29 -22.49 -21.35
CA LEU A 425 4.69 -22.06 -21.21
C LEU A 425 4.80 -20.63 -20.66
N TYR A 426 5.43 -20.51 -19.49
CA TYR A 426 5.64 -19.22 -18.83
C TYR A 426 7.10 -18.79 -18.93
N HIS A 427 7.34 -17.49 -18.90
CA HIS A 427 8.70 -16.96 -18.93
C HIS A 427 8.89 -15.95 -17.80
N PHE A 428 9.95 -16.12 -17.01
CA PHE A 428 10.22 -15.22 -15.89
C PHE A 428 11.57 -14.53 -16.05
N GLY A 429 11.67 -13.32 -15.50
CA GLY A 429 12.88 -12.53 -15.62
C GLY A 429 13.99 -12.86 -14.65
N SER A 430 13.75 -13.82 -13.76
CA SER A 430 14.78 -14.24 -12.81
C SER A 430 14.44 -15.58 -12.22
N GLU A 431 15.43 -16.21 -11.59
N GLU A 431 15.43 -16.20 -11.58
CA GLU A 431 15.23 -17.45 -10.84
CA GLU A 431 15.20 -17.45 -10.87
C GLU A 431 14.17 -17.23 -9.75
C GLU A 431 14.19 -17.25 -9.73
N VAL A 432 14.25 -16.07 -9.11
CA VAL A 432 13.40 -15.78 -7.96
C VAL A 432 11.95 -15.60 -8.40
N ASP A 433 11.76 -14.92 -9.53
CA ASP A 433 10.40 -14.72 -10.02
C ASP A 433 9.74 -16.06 -10.32
N ARG A 434 10.51 -16.98 -10.90
CA ARG A 434 9.98 -18.32 -11.18
C ARG A 434 9.65 -19.04 -9.86
N TRP A 435 10.55 -18.93 -8.90
CA TRP A 435 10.35 -19.51 -7.57
C TRP A 435 9.06 -18.97 -6.91
N VAL A 436 8.81 -17.66 -7.03
CA VAL A 436 7.63 -17.03 -6.45
C VAL A 436 6.37 -17.68 -7.01
N PHE A 437 6.33 -17.83 -8.33
CA PHE A 437 5.23 -18.52 -9.01
C PHE A 437 4.99 -19.90 -8.41
N GLN A 438 6.07 -20.65 -8.25
CA GLN A 438 5.93 -22.02 -7.77
C GLN A 438 5.57 -22.10 -6.31
N GLN A 439 5.70 -21.01 -5.56
CA GLN A 439 5.27 -21.03 -4.17
C GLN A 439 3.74 -21.06 -4.06
N ASP A 440 3.05 -20.59 -5.10
CA ASP A 440 1.60 -20.42 -5.03
C ASP A 440 0.98 -20.37 -6.43
N PRO A 441 1.04 -21.49 -7.17
CA PRO A 441 0.59 -21.42 -8.57
C PRO A 441 -0.87 -20.99 -8.74
N VAL A 442 -1.75 -21.32 -7.81
CA VAL A 442 -3.17 -21.00 -7.97
C VAL A 442 -3.38 -19.49 -8.00
N GLN A 443 -2.47 -18.74 -7.39
CA GLN A 443 -2.53 -17.27 -7.37
C GLN A 443 -2.27 -16.68 -8.75
N TYR A 444 -1.50 -17.39 -9.57
CA TYR A 444 -0.92 -16.82 -10.79
C TYR A 444 -1.25 -17.54 -12.07
N GLN A 445 -1.53 -18.84 -11.99
CA GLN A 445 -1.39 -19.70 -13.16
C GLN A 445 -2.25 -19.31 -14.36
N ASN A 446 -3.43 -18.72 -14.15
CA ASN A 446 -4.25 -18.36 -15.30
C ASN A 446 -4.23 -16.87 -15.60
N HIS A 447 -3.31 -16.16 -14.95
CA HIS A 447 -3.08 -14.76 -15.32
C HIS A 447 -2.34 -14.66 -16.66
N MET A 448 -2.79 -13.70 -17.47
CA MET A 448 -2.17 -13.45 -18.76
CA MET A 448 -2.19 -13.43 -18.78
C MET A 448 -1.53 -12.07 -18.76
N ASN A 449 -0.22 -12.02 -19.03
CA ASN A 449 0.44 -10.72 -19.05
C ASN A 449 0.05 -10.04 -20.38
N ILE A 450 0.48 -8.79 -20.56
CA ILE A 450 -0.01 -7.98 -21.68
C ILE A 450 0.35 -8.60 -23.03
N VAL A 451 1.55 -9.19 -23.11
CA VAL A 451 1.99 -9.76 -24.38
C VAL A 451 1.29 -11.09 -24.64
N ASP A 452 1.04 -11.85 -23.59
CA ASP A 452 0.18 -13.04 -23.68
C ASP A 452 -1.16 -12.65 -24.31
N ARG A 453 -1.77 -11.57 -23.81
CA ARG A 453 -3.04 -11.10 -24.34
C ARG A 453 -2.93 -10.68 -25.81
N PHE A 454 -1.81 -10.05 -26.13
CA PHE A 454 -1.51 -9.60 -27.50
C PHE A 454 -1.48 -10.79 -28.45
N LEU A 455 -0.91 -11.89 -27.98
CA LEU A 455 -0.78 -13.08 -28.82
C LEU A 455 -2.07 -13.89 -28.88
N ALA A 456 -2.94 -13.74 -27.89
CA ALA A 456 -4.18 -14.51 -27.84
C ALA A 456 -5.35 -13.77 -28.50
N GLY A 457 -5.07 -12.65 -29.15
CA GLY A 457 -6.09 -11.92 -29.89
C GLY A 457 -6.96 -10.98 -29.07
N GLN A 458 -6.55 -10.68 -27.85
CA GLN A 458 -7.34 -9.82 -26.98
C GLN A 458 -7.09 -8.34 -27.25
N ILE A 459 -6.03 -8.05 -28.00
CA ILE A 459 -5.67 -6.67 -28.30
C ILE A 459 -5.86 -6.45 -29.80
N GLN A 460 -6.81 -5.60 -30.15
CA GLN A 460 -7.16 -5.39 -31.54
C GLN A 460 -7.17 -3.89 -31.89
N PRO A 461 -6.49 -3.52 -33.00
CA PRO A 461 -5.74 -4.48 -33.82
C PRO A 461 -4.46 -4.95 -33.15
N MET A 462 -3.90 -6.05 -33.64
CA MET A 462 -2.68 -6.60 -33.08
C MET A 462 -1.46 -5.85 -33.63
N THR A 463 -1.35 -4.59 -33.22
CA THR A 463 -0.29 -3.69 -33.65
C THR A 463 0.15 -2.87 -32.43
N LEU A 464 1.27 -2.17 -32.52
CA LEU A 464 1.71 -1.30 -31.43
C LEU A 464 0.64 -0.24 -31.15
N GLU A 465 0.04 0.32 -32.20
CA GLU A 465 -0.99 1.32 -32.01
C GLU A 465 -2.21 0.70 -31.34
N GLY A 466 -2.55 -0.52 -31.73
CA GLY A 466 -3.65 -1.23 -31.09
C GLY A 466 -3.36 -1.44 -29.61
N ALA A 467 -2.11 -1.73 -29.30
CA ALA A 467 -1.68 -1.96 -27.92
C ALA A 467 -1.79 -0.66 -27.11
N LEU A 468 -1.39 0.44 -27.72
CA LEU A 468 -1.42 1.75 -27.05
C LEU A 468 -2.85 2.13 -26.69
N LYS A 469 -3.78 1.81 -27.56
CA LYS A 469 -5.20 2.08 -27.32
C LYS A 469 -5.72 1.20 -26.20
N TYR A 470 -5.36 -0.09 -26.26
CA TYR A 470 -5.73 -1.05 -25.22
C TYR A 470 -5.25 -0.57 -23.85
N MET A 471 -4.08 0.07 -23.83
CA MET A 471 -3.49 0.58 -22.59
C MET A 471 -4.23 1.79 -22.05
N GLY A 472 -5.20 2.31 -22.82
CA GLY A 472 -6.08 3.34 -22.31
C GLY A 472 -5.71 4.78 -22.60
N PHE A 473 -4.72 4.97 -23.47
CA PHE A 473 -4.34 6.33 -23.85
C PHE A 473 -5.48 6.95 -24.66
N GLN A 474 -5.96 8.11 -24.22
CA GLN A 474 -7.13 8.75 -24.80
C GLN A 474 -6.79 9.90 -25.74
N SER A 475 -5.52 10.33 -25.75
CA SER A 475 -5.10 11.33 -26.73
C SER A 475 -3.61 11.22 -26.98
N ILE A 476 -3.14 11.83 -28.07
CA ILE A 476 -1.72 11.72 -28.44
C ILE A 476 -0.86 12.34 -27.36
N GLU A 477 -1.35 13.41 -26.73
CA GLU A 477 -0.61 14.12 -25.70
C GLU A 477 -0.22 13.25 -24.52
N GLU A 478 -1.03 12.23 -24.25
CA GLU A 478 -0.87 11.44 -23.04
C GLU A 478 0.31 10.48 -23.13
N MET A 479 0.70 10.09 -24.34
CA MET A 479 1.76 9.10 -24.50
C MET A 479 3.14 9.69 -24.27
N GLY A 480 4.03 8.88 -23.69
CA GLY A 480 5.35 9.35 -23.35
C GLY A 480 6.23 9.81 -24.51
N LYS A 481 6.98 10.88 -24.27
CA LYS A 481 8.00 11.33 -25.23
C LYS A 481 9.29 11.56 -24.46
N ASP A 482 10.39 11.80 -25.17
CA ASP A 482 11.63 12.16 -24.50
C ASP A 482 11.42 13.45 -23.70
N ALA A 483 11.82 13.44 -22.43
CA ALA A 483 11.57 14.56 -21.52
C ALA A 483 12.02 15.91 -22.07
N HIS A 484 13.15 15.93 -22.76
CA HIS A 484 13.72 17.18 -23.25
C HIS A 484 13.61 17.35 -24.76
N ASP A 485 12.68 16.62 -25.36
CA ASP A 485 12.55 16.64 -26.81
CA ASP A 485 12.54 16.66 -26.81
C ASP A 485 13.90 16.50 -27.48
N PHE A 486 14.72 15.60 -26.93
CA PHE A 486 16.03 15.26 -27.49
C PHE A 486 17.06 16.39 -27.47
N ALA A 487 16.80 17.43 -26.69
CA ALA A 487 17.72 18.55 -26.61
C ALA A 487 19.04 18.12 -25.98
N TRP A 488 19.04 16.98 -25.27
CA TRP A 488 20.25 16.47 -24.63
C TRP A 488 21.34 16.09 -25.64
N ALA A 489 20.94 15.77 -26.87
CA ALA A 489 21.90 15.40 -27.90
C ALA A 489 22.85 16.56 -28.20
N ASP A 490 22.35 17.78 -28.07
CA ASP A 490 23.16 18.97 -28.29
C ASP A 490 24.40 19.01 -27.40
N LYS A 491 24.43 18.16 -26.38
CA LYS A 491 25.58 18.11 -25.48
C LYS A 491 26.49 16.92 -25.80
N SER B 2 -7.76 6.20 -35.18
CA SER B 2 -6.48 6.82 -34.88
C SER B 2 -6.52 7.55 -33.53
N PHE B 3 -5.39 8.15 -33.15
CA PHE B 3 -5.33 8.97 -31.93
C PHE B 3 -5.73 10.40 -32.24
N GLU B 4 -6.56 10.98 -31.40
CA GLU B 4 -6.95 12.37 -31.61
C GLU B 4 -6.30 13.28 -30.57
N SER B 5 -6.34 14.58 -30.82
CA SER B 5 -5.75 15.53 -29.91
C SER B 5 -6.83 16.09 -29.00
N LYS B 6 -6.50 16.22 -27.72
CA LYS B 6 -7.43 16.79 -26.75
C LYS B 6 -6.68 17.76 -25.86
N LYS B 7 -7.38 18.75 -25.33
CA LYS B 7 -6.73 19.72 -24.46
C LYS B 7 -6.77 19.23 -23.02
N PRO B 8 -5.98 19.87 -22.15
CA PRO B 8 -6.04 19.54 -20.72
C PRO B 8 -7.44 19.76 -20.15
N MET B 9 -7.79 18.97 -19.14
CA MET B 9 -9.11 19.05 -18.52
C MET B 9 -8.95 19.70 -17.15
N ARG B 10 -10.01 20.36 -16.68
CA ARG B 10 -9.92 21.13 -15.43
C ARG B 10 -9.90 20.21 -14.22
N THR B 11 -10.20 18.94 -14.44
CA THR B 11 -10.31 17.97 -13.37
C THR B 11 -10.09 16.56 -13.93
N TRP B 12 -10.32 15.53 -13.11
CA TRP B 12 -10.15 14.16 -13.61
C TRP B 12 -11.05 13.93 -14.82
N SER B 13 -10.61 13.09 -15.76
CA SER B 13 -11.42 12.79 -16.92
C SER B 13 -12.83 12.30 -16.53
N HIS B 14 -12.96 11.57 -15.42
CA HIS B 14 -14.26 11.00 -15.06
C HIS B 14 -15.20 12.04 -14.43
N LEU B 15 -14.65 13.19 -14.03
CA LEU B 15 -15.48 14.26 -13.47
C LEU B 15 -15.69 15.41 -14.47
N ALA B 16 -15.00 15.34 -15.60
CA ALA B 16 -14.93 16.49 -16.50
C ALA B 16 -16.29 16.87 -17.09
N GLU B 17 -17.28 15.98 -16.97
CA GLU B 17 -18.60 16.27 -17.51
CA GLU B 17 -18.60 16.27 -17.51
CA GLU B 17 -18.61 16.23 -17.51
C GLU B 17 -19.56 16.74 -16.43
N MET B 18 -19.06 16.87 -15.20
CA MET B 18 -19.86 17.45 -14.13
C MET B 18 -20.21 18.87 -14.56
N ARG B 19 -21.39 19.34 -14.17
CA ARG B 19 -21.76 20.71 -14.46
C ARG B 19 -21.04 21.65 -13.49
N LYS B 20 -20.98 21.27 -12.22
CA LYS B 20 -20.36 22.09 -11.18
C LYS B 20 -18.86 21.85 -11.08
N LYS B 21 -18.15 22.80 -10.49
CA LYS B 21 -16.73 22.62 -10.19
C LYS B 21 -16.56 21.52 -9.16
N PRO B 22 -15.66 20.55 -9.45
CA PRO B 22 -15.41 19.42 -8.56
C PRO B 22 -15.02 19.84 -7.15
N SER B 23 -15.62 19.23 -6.13
CA SER B 23 -15.29 19.53 -4.76
C SER B 23 -14.07 18.72 -4.31
N GLU B 24 -13.51 19.10 -3.16
CA GLU B 24 -12.48 18.28 -2.52
C GLU B 24 -12.95 16.84 -2.41
N TYR B 25 -14.19 16.65 -1.96
CA TYR B 25 -14.77 15.33 -1.82
C TYR B 25 -14.76 14.57 -3.16
N ASP B 26 -15.23 15.20 -4.23
CA ASP B 26 -15.28 14.55 -5.53
C ASP B 26 -13.89 14.11 -5.95
N ILE B 27 -12.94 15.03 -5.80
CA ILE B 27 -11.58 14.85 -6.30
C ILE B 27 -10.91 13.65 -5.66
N VAL B 28 -11.04 13.53 -4.34
CA VAL B 28 -10.27 12.52 -3.60
C VAL B 28 -11.05 11.24 -3.28
N SER B 29 -12.34 11.17 -3.62
CA SER B 29 -13.18 10.05 -3.14
C SER B 29 -13.75 9.16 -4.24
N ARG B 30 -13.92 9.71 -5.43
CA ARG B 30 -14.78 9.04 -6.42
C ARG B 30 -14.09 8.08 -7.37
N LYS B 31 -14.74 6.93 -7.56
CA LYS B 31 -14.34 5.91 -8.51
C LYS B 31 -12.88 5.47 -8.33
N LEU B 32 -12.57 4.94 -7.15
CA LEU B 32 -11.21 4.51 -6.83
C LEU B 32 -11.06 2.99 -6.78
N HIS B 33 -12.18 2.25 -6.74
CA HIS B 33 -12.10 0.78 -6.79
C HIS B 33 -11.90 0.27 -8.22
N TYR B 34 -10.67 -0.01 -8.61
CA TYR B 34 -10.41 -0.57 -9.93
C TYR B 34 -10.83 -2.03 -9.96
N SER B 35 -11.04 -2.61 -8.77
CA SER B 35 -11.40 -4.02 -8.65
C SER B 35 -12.80 -4.33 -9.19
N THR B 36 -13.57 -3.30 -9.53
CA THR B 36 -14.89 -3.51 -10.13
C THR B 36 -14.88 -3.44 -11.65
N ASN B 37 -13.73 -3.14 -12.25
CA ASN B 37 -13.64 -2.89 -13.69
C ASN B 37 -13.75 -4.16 -14.53
N ASN B 38 -13.12 -5.23 -14.06
CA ASN B 38 -13.11 -6.49 -14.80
C ASN B 38 -13.91 -7.53 -14.03
N PRO B 39 -15.13 -7.83 -14.49
CA PRO B 39 -16.03 -8.76 -13.79
C PRO B 39 -15.43 -10.16 -13.60
N ASP B 40 -14.60 -10.60 -14.52
CA ASP B 40 -14.03 -11.94 -14.47
CA ASP B 40 -14.06 -11.95 -14.44
C ASP B 40 -12.83 -12.02 -13.55
N SER B 41 -12.14 -10.90 -13.35
CA SER B 41 -11.01 -10.88 -12.44
C SER B 41 -10.90 -9.53 -11.74
N PRO B 42 -11.63 -9.39 -10.63
CA PRO B 42 -11.54 -8.20 -9.79
C PRO B 42 -10.10 -7.75 -9.58
N TRP B 43 -9.24 -8.71 -9.20
CA TRP B 43 -7.86 -8.42 -8.86
C TRP B 43 -6.93 -8.91 -9.97
N GLU B 44 -5.79 -8.23 -10.11
CA GLU B 44 -4.87 -8.46 -11.22
C GLU B 44 -4.04 -9.73 -10.98
N LEU B 45 -4.73 -10.86 -10.96
CA LEU B 45 -4.15 -12.15 -10.61
C LEU B 45 -4.81 -13.21 -11.46
N SER B 46 -4.56 -14.47 -11.16
CA SER B 46 -5.31 -15.53 -11.81
C SER B 46 -6.80 -15.26 -11.55
N PRO B 47 -7.62 -15.30 -12.61
CA PRO B 47 -9.05 -15.06 -12.43
C PRO B 47 -9.68 -15.97 -11.38
N ASP B 48 -9.08 -17.15 -11.15
CA ASP B 48 -9.59 -18.13 -10.19
C ASP B 48 -8.82 -18.14 -8.86
N SER B 49 -8.01 -17.11 -8.60
CA SER B 49 -7.31 -17.03 -7.31
C SER B 49 -8.35 -16.98 -6.20
N PRO B 50 -7.96 -17.38 -4.98
CA PRO B 50 -8.92 -17.42 -3.87
C PRO B 50 -9.64 -16.08 -3.66
N MET B 51 -8.90 -14.98 -3.61
CA MET B 51 -9.55 -13.69 -3.36
C MET B 51 -10.42 -13.26 -4.55
N ASN B 52 -10.04 -13.67 -5.77
CA ASN B 52 -10.87 -13.32 -6.92
C ASN B 52 -12.20 -14.08 -6.86
N LEU B 53 -12.15 -15.34 -6.43
CA LEU B 53 -13.38 -16.11 -6.23
C LEU B 53 -14.23 -15.51 -5.11
N TRP B 54 -13.58 -15.07 -4.03
CA TRP B 54 -14.29 -14.47 -2.90
C TRP B 54 -15.05 -13.24 -3.37
N TYR B 55 -14.40 -12.35 -4.13
CA TYR B 55 -15.07 -11.12 -4.54
C TYR B 55 -16.12 -11.38 -5.61
N LYS B 56 -15.87 -12.32 -6.51
CA LYS B 56 -16.89 -12.62 -7.51
C LYS B 56 -18.16 -13.13 -6.86
N GLN B 57 -18.02 -13.89 -5.77
CA GLN B 57 -19.19 -14.43 -5.07
C GLN B 57 -19.88 -13.43 -4.14
N TYR B 58 -19.10 -12.77 -3.30
CA TYR B 58 -19.65 -11.96 -2.21
C TYR B 58 -19.82 -10.48 -2.52
N ARG B 59 -19.16 -9.98 -3.57
CA ARG B 59 -19.49 -8.65 -4.07
C ARG B 59 -20.27 -8.73 -5.38
N ASN B 60 -19.63 -9.24 -6.43
CA ASN B 60 -20.20 -9.15 -7.78
C ASN B 60 -21.56 -9.82 -7.88
N ALA B 61 -21.73 -10.95 -7.20
CA ALA B 61 -22.95 -11.76 -7.31
C ALA B 61 -23.99 -11.43 -6.24
N SER B 62 -23.77 -10.36 -5.49
CA SER B 62 -24.76 -9.96 -4.50
C SER B 62 -26.10 -9.69 -5.19
N PRO B 63 -27.21 -10.09 -4.56
CA PRO B 63 -28.58 -9.83 -5.02
C PRO B 63 -28.88 -8.32 -5.10
N LEU B 64 -28.17 -7.55 -4.29
CA LEU B 64 -28.33 -6.09 -4.26
C LEU B 64 -27.55 -5.50 -5.43
N LYS B 65 -28.26 -4.94 -6.41
CA LYS B 65 -27.63 -4.59 -7.68
C LYS B 65 -27.91 -3.14 -8.11
N HIS B 66 -26.91 -2.54 -8.76
CA HIS B 66 -27.03 -1.18 -9.28
C HIS B 66 -26.01 -1.01 -10.39
N ASP B 67 -26.38 -0.34 -11.48
CA ASP B 67 -25.45 -0.21 -12.61
C ASP B 67 -24.43 0.92 -12.39
N ASN B 68 -24.57 1.66 -11.30
CA ASN B 68 -23.64 2.76 -11.03
C ASN B 68 -23.52 3.02 -9.53
N TRP B 69 -23.00 2.04 -8.80
CA TRP B 69 -22.77 2.20 -7.38
C TRP B 69 -21.87 3.40 -7.09
N ASP B 70 -20.98 3.68 -8.04
CA ASP B 70 -19.99 4.74 -7.84
C ASP B 70 -20.61 6.12 -7.72
N ALA B 71 -21.81 6.28 -8.22
CA ALA B 71 -22.50 7.56 -8.16
C ALA B 71 -22.96 7.87 -6.73
N PHE B 72 -22.91 6.90 -5.83
CA PHE B 72 -23.27 7.15 -4.44
C PHE B 72 -22.46 8.30 -3.85
N THR B 73 -23.13 9.12 -3.04
CA THR B 73 -22.50 10.27 -2.41
C THR B 73 -22.76 10.29 -0.91
N ASP B 74 -21.70 10.31 -0.10
CA ASP B 74 -21.84 10.58 1.32
C ASP B 74 -22.55 11.91 1.49
N PRO B 75 -23.73 11.91 2.15
CA PRO B 75 -24.47 13.17 2.29
C PRO B 75 -23.69 14.20 3.10
N ASP B 76 -22.74 13.76 3.93
CA ASP B 76 -21.89 14.66 4.68
C ASP B 76 -20.61 15.02 3.92
N GLN B 77 -20.37 14.32 2.80
CA GLN B 77 -19.22 14.56 1.93
C GLN B 77 -17.91 14.66 2.70
N LEU B 78 -17.72 13.77 3.66
CA LEU B 78 -16.51 13.79 4.48
C LEU B 78 -15.31 13.21 3.76
N VAL B 79 -14.16 13.86 3.96
CA VAL B 79 -12.87 13.34 3.53
C VAL B 79 -12.05 13.14 4.80
N TYR B 80 -10.87 12.55 4.66
CA TYR B 80 -10.02 12.29 5.82
C TYR B 80 -9.78 13.58 6.60
N ARG B 81 -9.38 14.62 5.87
CA ARG B 81 -9.04 15.90 6.46
C ARG B 81 -10.18 16.48 7.27
N THR B 82 -11.40 16.44 6.74
CA THR B 82 -12.49 17.10 7.46
C THR B 82 -13.08 16.21 8.54
N TYR B 83 -12.97 14.89 8.39
CA TYR B 83 -13.32 13.98 9.47
C TYR B 83 -12.47 14.27 10.71
N ASN B 84 -11.16 14.43 10.53
CA ASN B 84 -10.29 14.66 11.68
C ASN B 84 -10.54 16.03 12.31
N LEU B 85 -10.87 17.04 11.51
CA LEU B 85 -11.22 18.35 12.08
C LEU B 85 -12.46 18.21 12.93
N MET B 86 -13.46 17.53 12.38
CA MET B 86 -14.72 17.33 13.07
C MET B 86 -14.50 16.55 14.37
N GLN B 87 -13.79 15.44 14.27
CA GLN B 87 -13.68 14.53 15.41
C GLN B 87 -12.66 15.02 16.42
N ASP B 88 -11.66 15.79 16.02
CA ASP B 88 -10.77 16.38 17.02
C ASP B 88 -11.60 17.35 17.87
N GLY B 89 -12.54 18.04 17.23
CA GLY B 89 -13.46 18.89 17.95
C GLY B 89 -14.31 18.12 18.96
N GLN B 90 -14.99 17.08 18.50
CA GLN B 90 -15.88 16.32 19.38
C GLN B 90 -15.08 15.53 20.42
N GLU B 91 -13.95 14.98 20.03
CA GLU B 91 -13.17 14.18 20.97
C GLU B 91 -12.44 15.05 22.00
N SER B 92 -11.95 16.22 21.58
CA SER B 92 -11.34 17.12 22.55
CA SER B 92 -11.35 17.16 22.54
C SER B 92 -12.38 17.56 23.59
N TYR B 93 -13.62 17.76 23.13
CA TYR B 93 -14.73 18.09 24.01
C TYR B 93 -14.98 16.94 25.01
N VAL B 94 -15.04 15.70 24.53
CA VAL B 94 -15.27 14.56 25.43
C VAL B 94 -14.13 14.40 26.41
N GLN B 95 -12.90 14.54 25.94
CA GLN B 95 -11.74 14.43 26.82
C GLN B 95 -11.75 15.54 27.88
N SER B 96 -12.22 16.73 27.51
CA SER B 96 -12.37 17.82 28.48
C SER B 96 -13.47 17.52 29.49
N LEU B 97 -14.53 16.87 29.04
CA LEU B 97 -15.57 16.40 29.98
C LEU B 97 -14.98 15.40 30.99
N PHE B 98 -14.19 14.45 30.50
CA PHE B 98 -13.53 13.47 31.37
C PHE B 98 -12.67 14.19 32.42
N ASP B 99 -11.86 15.14 31.96
CA ASP B 99 -10.95 15.85 32.86
C ASP B 99 -11.75 16.57 33.95
N GLN B 100 -12.72 17.37 33.52
CA GLN B 100 -13.47 18.21 34.45
C GLN B 100 -14.34 17.39 35.41
N PHE B 101 -14.98 16.34 34.90
CA PHE B 101 -15.83 15.53 35.77
C PHE B 101 -14.97 14.75 36.76
N ASN B 102 -13.76 14.38 36.35
CA ASN B 102 -12.83 13.74 37.27
C ASN B 102 -12.36 14.72 38.36
N GLU B 103 -12.09 15.98 37.98
CA GLU B 103 -11.73 17.00 38.96
C GLU B 103 -12.79 17.15 40.04
N ARG B 104 -14.05 17.06 39.61
CA ARG B 104 -15.20 17.25 40.50
CA ARG B 104 -15.16 17.26 40.53
C ARG B 104 -15.57 15.97 41.25
N GLU B 105 -14.83 14.89 41.00
CA GLU B 105 -15.10 13.62 41.68
C GLU B 105 -16.51 13.11 41.39
N HIS B 106 -16.94 13.28 40.15
CA HIS B 106 -18.25 12.82 39.70
C HIS B 106 -18.58 11.39 40.13
N ASP B 107 -17.62 10.48 39.96
CA ASP B 107 -17.89 9.07 40.14
C ASP B 107 -18.22 8.73 41.59
N GLN B 108 -17.74 9.54 42.54
CA GLN B 108 -18.01 9.27 43.94
C GLN B 108 -19.46 9.57 44.31
N MET B 109 -20.14 10.35 43.49
CA MET B 109 -21.46 10.86 43.85
CA MET B 109 -21.46 10.85 43.85
C MET B 109 -22.62 10.13 43.17
N VAL B 110 -22.31 9.12 42.36
CA VAL B 110 -23.37 8.35 41.71
C VAL B 110 -24.16 7.61 42.76
N ARG B 111 -25.37 7.16 42.40
CA ARG B 111 -26.22 6.51 43.37
C ARG B 111 -25.63 5.16 43.79
N GLU B 112 -25.88 4.78 45.03
CA GLU B 112 -25.44 3.49 45.56
C GLU B 112 -25.71 2.36 44.59
N GLY B 113 -24.68 1.58 44.27
CA GLY B 113 -24.86 0.41 43.42
C GLY B 113 -24.68 0.63 41.92
N TRP B 114 -24.56 1.88 41.50
CA TRP B 114 -24.44 2.20 40.08
C TRP B 114 -23.18 1.57 39.48
N GLU B 115 -22.13 1.43 40.29
CA GLU B 115 -20.88 0.86 39.79
C GLU B 115 -21.10 -0.56 39.32
N HIS B 116 -21.98 -1.27 40.03
CA HIS B 116 -22.32 -2.66 39.67
C HIS B 116 -23.13 -2.73 38.39
N THR B 117 -24.02 -1.77 38.17
CA THR B 117 -24.78 -1.70 36.94
C THR B 117 -23.83 -1.39 35.76
N MET B 118 -22.90 -0.47 36.00
CA MET B 118 -21.90 -0.12 34.98
C MET B 118 -21.02 -1.33 34.65
N ALA B 119 -20.58 -2.05 35.68
CA ALA B 119 -19.72 -3.22 35.51
C ALA B 119 -20.42 -4.30 34.69
N ARG B 120 -21.72 -4.44 34.88
CA ARG B 120 -22.46 -5.49 34.20
C ARG B 120 -22.96 -5.08 32.82
N CYS B 121 -23.38 -3.82 32.70
CA CYS B 121 -24.14 -3.39 31.52
C CYS B 121 -23.40 -2.39 30.63
N TYR B 122 -22.32 -1.82 31.15
CA TYR B 122 -21.61 -0.79 30.41
C TYR B 122 -20.22 -1.24 29.96
N SER B 123 -19.39 -1.70 30.90
CA SER B 123 -18.01 -1.99 30.53
C SER B 123 -17.88 -3.12 29.49
N PRO B 124 -18.77 -4.12 29.52
CA PRO B 124 -18.62 -5.13 28.46
C PRO B 124 -19.02 -4.60 27.07
N LEU B 125 -19.47 -3.35 26.96
CA LEU B 125 -19.76 -2.77 25.65
C LEU B 125 -18.53 -2.74 24.75
N ARG B 126 -17.33 -2.77 25.33
CA ARG B 126 -16.14 -2.75 24.51
C ARG B 126 -16.14 -3.92 23.53
N TYR B 127 -16.73 -5.07 23.92
CA TYR B 127 -16.82 -6.22 23.00
C TYR B 127 -17.80 -5.96 21.88
N LEU B 128 -18.96 -5.40 22.21
CA LEU B 128 -19.96 -5.08 21.20
C LEU B 128 -19.42 -4.04 20.22
N PHE B 129 -18.83 -2.98 20.75
CA PHE B 129 -18.29 -1.94 19.88
C PHE B 129 -17.15 -2.47 19.02
N HIS B 130 -16.35 -3.39 19.54
CA HIS B 130 -15.30 -3.95 18.70
C HIS B 130 -15.90 -4.81 17.58
N CYS B 131 -17.00 -5.52 17.87
CA CYS B 131 -17.70 -6.25 16.81
C CYS B 131 -18.15 -5.29 15.71
N LEU B 132 -18.66 -4.12 16.11
CA LEU B 132 -19.09 -3.12 15.14
C LEU B 132 -17.90 -2.61 14.32
N GLN B 133 -16.76 -2.49 14.98
CA GLN B 133 -15.51 -2.08 14.32
C GLN B 133 -15.09 -3.12 13.27
N MET B 134 -15.06 -4.38 13.69
CA MET B 134 -14.70 -5.47 12.78
C MET B 134 -15.68 -5.54 11.59
N SER B 135 -16.96 -5.42 11.89
CA SER B 135 -17.98 -5.57 10.86
C SER B 135 -17.92 -4.41 9.87
N SER B 136 -17.69 -3.20 10.37
CA SER B 136 -17.59 -2.03 9.51
C SER B 136 -16.40 -2.16 8.56
N ALA B 137 -15.30 -2.72 9.06
CA ALA B 137 -14.12 -2.93 8.22
C ALA B 137 -14.45 -3.95 7.12
N TYR B 138 -15.30 -4.92 7.42
CA TYR B 138 -15.65 -5.88 6.38
C TYR B 138 -16.49 -5.21 5.28
N VAL B 139 -17.48 -4.40 5.66
CA VAL B 139 -18.26 -3.71 4.63
C VAL B 139 -17.33 -2.84 3.81
N GLN B 140 -16.38 -2.18 4.46
CA GLN B 140 -15.38 -1.37 3.74
C GLN B 140 -14.71 -2.16 2.62
N GLN B 141 -14.19 -3.33 2.95
CA GLN B 141 -13.33 -4.02 2.00
C GLN B 141 -14.14 -4.68 0.89
N MET B 142 -15.44 -4.87 1.12
CA MET B 142 -16.31 -5.53 0.13
C MET B 142 -17.22 -4.61 -0.69
N ALA B 143 -17.42 -3.37 -0.25
CA ALA B 143 -18.39 -2.49 -0.93
C ALA B 143 -17.94 -2.16 -2.36
N PRO B 144 -18.91 -2.04 -3.27
CA PRO B 144 -18.58 -1.90 -4.70
C PRO B 144 -18.29 -0.48 -5.19
N ALA B 145 -18.17 0.49 -4.28
CA ALA B 145 -17.80 1.85 -4.69
C ALA B 145 -16.91 2.47 -3.61
N SER B 146 -15.90 3.24 -4.01
CA SER B 146 -15.01 3.88 -3.03
C SER B 146 -15.79 4.86 -2.13
N THR B 147 -16.82 5.51 -2.65
CA THR B 147 -17.57 6.46 -1.82
C THR B 147 -18.33 5.71 -0.72
N ILE B 148 -18.77 4.48 -1.01
CA ILE B 148 -19.38 3.66 0.03
C ILE B 148 -18.31 3.24 1.05
N SER B 149 -17.22 2.69 0.54
CA SER B 149 -16.15 2.20 1.41
C SER B 149 -15.64 3.30 2.34
N ASN B 150 -15.56 4.53 1.85
CA ASN B 150 -15.05 5.63 2.67
C ASN B 150 -15.96 5.90 3.87
N CYS B 151 -17.27 5.85 3.67
CA CYS B 151 -18.18 5.98 4.80
C CYS B 151 -17.91 4.87 5.82
N CYS B 152 -17.60 3.67 5.30
CA CYS B 152 -17.31 2.53 6.17
C CYS B 152 -16.00 2.68 6.92
N ILE B 153 -14.98 3.25 6.28
CA ILE B 153 -13.71 3.49 6.97
C ILE B 153 -13.94 4.39 8.18
N LEU B 154 -14.58 5.52 7.93
CA LEU B 154 -14.83 6.48 8.99
C LEU B 154 -15.71 5.85 10.09
N GLN B 155 -16.63 4.97 9.71
CA GLN B 155 -17.48 4.28 10.68
C GLN B 155 -16.69 3.26 11.51
N THR B 156 -15.69 2.63 10.89
CA THR B 156 -14.80 1.72 11.59
C THR B 156 -14.04 2.51 12.66
N ALA B 157 -13.53 3.68 12.28
CA ALA B 157 -12.80 4.53 13.21
C ALA B 157 -13.72 5.00 14.37
N ASP B 158 -14.95 5.38 14.05
CA ASP B 158 -15.91 5.77 15.09
C ASP B 158 -16.18 4.62 16.07
N SER B 159 -16.24 3.41 15.54
CA SER B 159 -16.48 2.26 16.41
C SER B 159 -15.35 2.10 17.40
N LEU B 160 -14.11 2.30 16.94
CA LEU B 160 -12.95 2.24 17.80
C LEU B 160 -12.96 3.42 18.79
N ARG B 161 -13.47 4.57 18.34
CA ARG B 161 -13.63 5.71 19.23
C ARG B 161 -14.51 5.31 20.43
N TRP B 162 -15.65 4.68 20.14
CA TRP B 162 -16.57 4.25 21.21
C TRP B 162 -15.93 3.20 22.13
N LEU B 163 -15.26 2.23 21.52
CA LEU B 163 -14.52 1.22 22.26
C LEU B 163 -13.55 1.88 23.25
N THR B 164 -12.83 2.88 22.76
CA THR B 164 -11.81 3.54 23.56
C THR B 164 -12.42 4.37 24.70
N HIS B 165 -13.52 5.08 24.43
CA HIS B 165 -14.30 5.72 25.50
C HIS B 165 -14.59 4.74 26.62
N THR B 166 -15.10 3.57 26.21
CA THR B 166 -15.55 2.56 27.16
C THR B 166 -14.36 2.03 27.97
N ALA B 167 -13.25 1.77 27.30
CA ALA B 167 -12.03 1.31 27.98
C ALA B 167 -11.57 2.35 29.00
N TYR B 168 -11.49 3.61 28.58
CA TYR B 168 -11.03 4.68 29.45
C TYR B 168 -11.92 4.79 30.70
N ARG B 169 -13.24 4.81 30.49
CA ARG B 169 -14.17 5.01 31.59
C ARG B 169 -14.27 3.77 32.49
N THR B 170 -14.10 2.58 31.92
CA THR B 170 -14.05 1.36 32.73
C THR B 170 -12.89 1.44 33.70
N HIS B 171 -11.71 1.79 33.19
CA HIS B 171 -10.54 1.93 34.06
C HIS B 171 -10.75 3.03 35.08
N GLU B 172 -11.21 4.20 34.64
CA GLU B 172 -11.38 5.32 35.56
C GLU B 172 -12.37 4.98 36.68
N LEU B 173 -13.47 4.35 36.31
CA LEU B 173 -14.48 3.99 37.31
C LEU B 173 -13.89 3.00 38.33
N SER B 174 -13.00 2.12 37.88
CA SER B 174 -12.41 1.12 38.78
C SER B 174 -11.55 1.78 39.85
N LEU B 175 -11.11 3.01 39.61
CA LEU B 175 -10.24 3.69 40.57
C LEU B 175 -11.03 4.13 41.79
N THR B 176 -12.30 4.48 41.58
CA THR B 176 -13.20 4.85 42.67
C THR B 176 -13.90 3.60 43.24
N TYR B 177 -14.13 2.60 42.40
CA TYR B 177 -14.80 1.37 42.80
C TYR B 177 -14.00 0.14 42.40
N PRO B 178 -12.98 -0.19 43.20
CA PRO B 178 -12.05 -1.28 42.87
C PRO B 178 -12.59 -2.69 43.11
N ASP B 179 -13.78 -2.79 43.71
CA ASP B 179 -14.32 -4.09 44.11
C ASP B 179 -15.59 -4.46 43.34
N ALA B 180 -15.67 -4.06 42.08
CA ALA B 180 -16.84 -4.33 41.27
C ALA B 180 -16.53 -5.16 40.02
N GLY B 181 -15.27 -5.56 39.87
CA GLY B 181 -14.85 -6.31 38.71
C GLY B 181 -14.65 -5.48 37.44
N LEU B 182 -14.67 -4.16 37.59
CA LEU B 182 -14.43 -3.26 36.45
C LEU B 182 -13.05 -3.47 35.84
N GLY B 183 -13.00 -3.80 34.55
CA GLY B 183 -11.75 -4.04 33.86
C GLY B 183 -11.22 -5.46 34.06
N GLU B 184 -11.96 -6.28 34.80
CA GLU B 184 -11.53 -7.63 35.13
C GLU B 184 -12.45 -8.74 34.58
N HIS B 185 -13.75 -8.48 34.60
CA HIS B 185 -14.70 -9.55 34.34
CA HIS B 185 -14.78 -9.50 34.41
C HIS B 185 -15.54 -9.36 33.08
N GLU B 186 -15.18 -8.39 32.24
CA GLU B 186 -16.00 -8.13 31.05
C GLU B 186 -16.05 -9.31 30.05
N ARG B 187 -14.94 -9.99 29.81
CA ARG B 187 -14.97 -11.12 28.88
C ARG B 187 -15.92 -12.21 29.38
N GLU B 188 -15.84 -12.52 30.67
CA GLU B 188 -16.74 -13.48 31.30
C GLU B 188 -18.20 -13.12 31.07
N LEU B 189 -18.52 -11.84 31.26
CA LEU B 189 -19.88 -11.35 31.13
C LEU B 189 -20.34 -11.47 29.68
N TRP B 190 -19.51 -11.00 28.75
CA TRP B 190 -19.82 -11.11 27.33
C TRP B 190 -20.08 -12.57 26.95
N GLU B 191 -19.31 -13.49 27.52
CA GLU B 191 -19.39 -14.89 27.11
C GLU B 191 -20.52 -15.64 27.79
N LYS B 192 -20.86 -15.26 29.02
CA LYS B 192 -21.77 -16.11 29.79
C LYS B 192 -23.00 -15.44 30.42
N GLU B 193 -22.98 -14.12 30.56
CA GLU B 193 -24.13 -13.44 31.14
C GLU B 193 -25.31 -13.43 30.16
N PRO B 194 -26.49 -13.89 30.60
CA PRO B 194 -27.66 -13.97 29.72
C PRO B 194 -27.99 -12.66 28.97
N GLY B 195 -27.93 -11.52 29.66
CA GLY B 195 -28.25 -10.26 29.02
C GLY B 195 -27.35 -9.90 27.85
N TRP B 196 -26.16 -10.50 27.79
CA TRP B 196 -25.21 -10.25 26.70
C TRP B 196 -25.31 -11.27 25.58
N GLN B 197 -26.03 -12.37 25.80
CA GLN B 197 -25.98 -13.48 24.86
C GLN B 197 -26.77 -13.25 23.57
N GLY B 198 -27.84 -12.47 23.65
CA GLY B 198 -28.57 -12.09 22.45
C GLY B 198 -27.69 -11.25 21.53
N LEU B 199 -26.99 -10.30 22.14
CA LEU B 199 -26.07 -9.44 21.40
C LEU B 199 -24.90 -10.24 20.82
N ARG B 200 -24.36 -11.17 21.60
CA ARG B 200 -23.20 -11.93 21.13
C ARG B 200 -23.59 -12.85 19.98
N GLU B 201 -24.74 -13.51 20.11
CA GLU B 201 -25.21 -14.37 19.04
C GLU B 201 -25.47 -13.56 17.78
N LEU B 202 -26.13 -12.42 17.95
CA LEU B 202 -26.38 -11.52 16.82
C LEU B 202 -25.08 -11.15 16.09
N MET B 203 -24.06 -10.74 16.84
CA MET B 203 -22.83 -10.24 16.20
C MET B 203 -21.97 -11.36 15.62
N GLU B 204 -21.93 -12.51 16.29
CA GLU B 204 -21.17 -13.62 15.73
C GLU B 204 -21.78 -14.04 14.40
N LYS B 205 -23.10 -14.09 14.34
CA LYS B 205 -23.77 -14.44 13.09
C LYS B 205 -23.63 -13.34 12.04
N GLN B 206 -23.77 -12.07 12.44
CA GLN B 206 -23.64 -10.97 11.49
C GLN B 206 -22.24 -10.93 10.89
N LEU B 207 -21.23 -11.22 11.71
CA LEU B 207 -19.84 -11.21 11.22
C LEU B 207 -19.53 -12.35 10.25
N THR B 208 -20.46 -13.29 10.07
CA THR B 208 -20.24 -14.34 9.09
C THR B 208 -21.22 -14.23 7.92
N ALA B 209 -21.89 -13.08 7.82
CA ALA B 209 -22.64 -12.73 6.62
C ALA B 209 -21.70 -12.03 5.65
N PHE B 210 -21.21 -12.77 4.65
CA PHE B 210 -20.10 -12.31 3.82
C PHE B 210 -20.51 -11.58 2.53
N ASP B 211 -21.77 -11.70 2.12
CA ASP B 211 -22.27 -10.93 0.99
C ASP B 211 -22.26 -9.45 1.36
N TRP B 212 -21.72 -8.59 0.50
CA TRP B 212 -21.51 -7.20 0.91
C TRP B 212 -22.83 -6.51 1.20
N GLY B 213 -23.86 -6.87 0.44
CA GLY B 213 -25.16 -6.24 0.60
C GLY B 213 -25.81 -6.66 1.90
N GLU B 214 -25.76 -7.96 2.20
CA GLU B 214 -26.36 -8.44 3.43
C GLU B 214 -25.57 -7.93 4.62
N ALA B 215 -24.26 -7.81 4.46
CA ALA B 215 -23.41 -7.28 5.54
C ALA B 215 -23.82 -5.84 5.86
N PHE B 216 -23.96 -5.03 4.82
CA PHE B 216 -24.35 -3.64 5.00
C PHE B 216 -25.74 -3.50 5.62
N VAL B 217 -26.70 -4.27 5.11
CA VAL B 217 -28.06 -4.15 5.60
C VAL B 217 -28.16 -4.60 7.04
N SER B 218 -27.61 -5.78 7.34
CA SER B 218 -27.68 -6.29 8.70
C SER B 218 -26.95 -5.36 9.67
N LEU B 219 -25.77 -4.86 9.28
CA LEU B 219 -25.03 -3.99 10.19
C LEU B 219 -25.69 -2.63 10.37
N ASN B 220 -25.96 -1.94 9.28
CA ASN B 220 -26.30 -0.53 9.37
C ASN B 220 -27.79 -0.24 9.43
N LEU B 221 -28.61 -1.16 8.93
CA LEU B 221 -30.06 -0.95 8.94
C LEU B 221 -30.77 -1.71 10.07
N VAL B 222 -30.10 -2.70 10.64
CA VAL B 222 -30.72 -3.52 11.68
C VAL B 222 -29.96 -3.43 13.00
N VAL B 223 -28.72 -3.91 13.02
CA VAL B 223 -27.94 -3.92 14.27
C VAL B 223 -27.77 -2.52 14.85
N LYS B 224 -27.21 -1.60 14.06
CA LYS B 224 -26.81 -0.32 14.63
C LYS B 224 -27.99 0.56 15.10
N PRO B 225 -29.11 0.57 14.36
CA PRO B 225 -30.29 1.29 14.88
C PRO B 225 -30.86 0.67 16.16
N MET B 226 -30.74 -0.65 16.31
CA MET B 226 -31.14 -1.30 17.55
C MET B 226 -30.27 -0.83 18.73
N ILE B 227 -28.98 -0.69 18.48
CA ILE B 227 -28.07 -0.25 19.54
C ILE B 227 -28.43 1.17 20.01
N VAL B 228 -28.85 2.02 19.08
CA VAL B 228 -29.26 3.37 19.45
C VAL B 228 -30.53 3.33 20.31
N GLU B 229 -31.54 2.60 19.84
CA GLU B 229 -32.84 2.50 20.51
C GLU B 229 -32.81 1.81 21.87
N SER B 230 -32.04 0.74 21.95
CA SER B 230 -32.20 -0.24 23.03
C SER B 230 -30.99 -0.31 23.95
N ILE B 231 -29.89 0.33 23.58
CA ILE B 231 -28.72 0.36 24.44
C ILE B 231 -28.35 1.79 24.82
N PHE B 232 -27.99 2.62 23.85
CA PHE B 232 -27.58 4.00 24.12
C PHE B 232 -28.64 4.80 24.90
N LYS B 233 -29.86 4.85 24.38
CA LYS B 233 -30.85 5.73 25.01
C LYS B 233 -31.31 5.21 26.38
N PRO B 234 -31.56 3.89 26.51
CA PRO B 234 -31.86 3.37 27.85
C PRO B 234 -30.76 3.60 28.89
N LEU B 235 -29.49 3.50 28.50
CA LEU B 235 -28.39 3.81 29.41
C LEU B 235 -28.44 5.27 29.87
N GLN B 236 -28.79 6.18 28.96
CA GLN B 236 -28.93 7.58 29.32
C GLN B 236 -30.02 7.76 30.38
N GLN B 237 -31.14 7.04 30.22
CA GLN B 237 -32.22 7.13 31.19
C GLN B 237 -31.80 6.58 32.55
N GLN B 238 -31.11 5.45 32.54
CA GLN B 238 -30.66 4.85 33.80
C GLN B 238 -29.62 5.74 34.49
N ALA B 239 -28.71 6.30 33.71
CA ALA B 239 -27.72 7.21 34.27
C ALA B 239 -28.43 8.35 34.98
N TRP B 240 -29.43 8.93 34.34
CA TRP B 240 -30.17 10.04 34.92
C TRP B 240 -30.76 9.64 36.27
N GLU B 241 -31.26 8.41 36.37
CA GLU B 241 -31.90 7.94 37.59
C GLU B 241 -30.89 7.59 38.69
N ASN B 242 -29.61 7.55 38.34
CA ASN B 242 -28.59 7.16 39.31
C ASN B 242 -27.52 8.23 39.50
N ASN B 243 -27.89 9.47 39.19
CA ASN B 243 -27.02 10.63 39.34
C ASN B 243 -25.66 10.45 38.65
N ASP B 244 -25.68 9.80 37.50
CA ASP B 244 -24.53 9.77 36.59
C ASP B 244 -24.80 10.83 35.52
N THR B 245 -24.14 11.98 35.64
CA THR B 245 -24.39 13.07 34.69
C THR B 245 -23.35 13.10 33.57
N LEU B 246 -22.29 12.34 33.72
CA LEU B 246 -21.29 12.23 32.66
C LEU B 246 -21.75 11.30 31.53
N LEU B 247 -22.28 10.13 31.86
CA LEU B 247 -22.62 9.16 30.82
C LEU B 247 -23.61 9.71 29.79
N PRO B 248 -24.64 10.47 30.24
CA PRO B 248 -25.55 10.99 29.21
C PRO B 248 -24.84 11.92 28.22
N LEU B 249 -23.91 12.75 28.70
CA LEU B 249 -23.16 13.64 27.80
C LEU B 249 -22.25 12.86 26.85
N LEU B 250 -21.59 11.83 27.38
CA LEU B 250 -20.73 10.98 26.56
C LEU B 250 -21.56 10.31 25.46
N ILE B 251 -22.70 9.75 25.85
CA ILE B 251 -23.53 9.05 24.88
C ILE B 251 -24.08 10.02 23.84
N ASP B 252 -24.38 11.26 24.23
CA ASP B 252 -24.85 12.23 23.25
C ASP B 252 -23.79 12.43 22.15
N SER B 253 -22.52 12.46 22.53
CA SER B 253 -21.44 12.59 21.54
C SER B 253 -21.37 11.34 20.66
N GLN B 254 -21.49 10.17 21.27
CA GLN B 254 -21.49 8.94 20.50
C GLN B 254 -22.69 8.86 19.54
N LEU B 255 -23.83 9.40 19.99
CA LEU B 255 -25.03 9.37 19.17
C LEU B 255 -24.89 10.25 17.94
N LYS B 256 -24.08 11.30 18.03
CA LYS B 256 -23.80 12.11 16.85
C LYS B 256 -23.14 11.24 15.77
N ASP B 257 -22.18 10.42 16.17
CA ASP B 257 -21.55 9.49 15.23
C ASP B 257 -22.60 8.54 14.70
N ALA B 258 -23.42 7.99 15.60
CA ALA B 258 -24.41 6.98 15.19
C ALA B 258 -25.38 7.56 14.17
N GLU B 259 -25.81 8.80 14.38
CA GLU B 259 -26.75 9.41 13.45
C GLU B 259 -26.07 9.63 12.10
N ARG B 260 -24.79 9.97 12.11
CA ARG B 260 -24.04 10.12 10.86
C ARG B 260 -24.03 8.80 10.09
N HIS B 261 -23.82 7.70 10.80
CA HIS B 261 -23.79 6.39 10.15
C HIS B 261 -25.16 6.11 9.54
N SER B 262 -26.20 6.44 10.29
CA SER B 262 -27.56 6.22 9.81
C SER B 262 -27.81 7.09 8.57
N ARG B 263 -27.29 8.31 8.57
CA ARG B 263 -27.50 9.23 7.45
C ARG B 263 -26.91 8.69 6.16
N TRP B 264 -25.64 8.24 6.18
CA TRP B 264 -25.07 7.76 4.93
C TRP B 264 -25.73 6.45 4.53
N SER B 265 -26.12 5.64 5.51
CA SER B 265 -26.77 4.35 5.24
C SER B 265 -28.07 4.56 4.47
N LYS B 266 -28.87 5.52 4.94
CA LYS B 266 -30.15 5.83 4.31
C LYS B 266 -29.94 6.39 2.92
N ALA B 267 -28.88 7.17 2.75
CA ALA B 267 -28.56 7.69 1.43
C ALA B 267 -28.18 6.54 0.48
N LEU B 268 -27.53 5.51 1.01
CA LEU B 268 -27.18 4.36 0.18
C LEU B 268 -28.44 3.58 -0.19
N VAL B 269 -29.34 3.39 0.77
CA VAL B 269 -30.62 2.75 0.48
C VAL B 269 -31.35 3.51 -0.62
N LYS B 270 -31.37 4.84 -0.53
CA LYS B 270 -32.06 5.64 -1.54
C LYS B 270 -31.43 5.46 -2.92
N HIS B 271 -30.10 5.44 -2.97
CA HIS B 271 -29.38 5.18 -4.21
C HIS B 271 -29.76 3.81 -4.76
N ALA B 272 -29.74 2.81 -3.89
CA ALA B 272 -30.04 1.43 -4.29
C ALA B 272 -31.46 1.32 -4.86
N LEU B 273 -32.39 2.01 -4.23
CA LEU B 273 -33.79 1.88 -4.61
C LEU B 273 -34.10 2.48 -5.98
N GLU B 274 -33.10 3.13 -6.59
CA GLU B 274 -33.27 3.53 -7.98
C GLU B 274 -33.56 2.28 -8.82
N ASN B 275 -33.07 1.14 -8.33
CA ASN B 275 -33.36 -0.16 -8.92
C ASN B 275 -34.53 -0.81 -8.18
N PRO B 276 -35.69 -0.90 -8.84
CA PRO B 276 -36.91 -1.40 -8.18
C PRO B 276 -36.73 -2.77 -7.53
N ASP B 277 -35.90 -3.61 -8.13
CA ASP B 277 -35.69 -4.96 -7.61
C ASP B 277 -35.12 -4.94 -6.19
N ASN B 278 -34.49 -3.83 -5.82
CA ASN B 278 -33.73 -3.79 -4.57
C ASN B 278 -34.62 -3.63 -3.33
N HIS B 279 -35.83 -3.10 -3.50
CA HIS B 279 -36.72 -2.98 -2.35
CA HIS B 279 -36.78 -2.99 -2.39
C HIS B 279 -36.94 -4.33 -1.68
N ALA B 280 -37.24 -5.35 -2.47
CA ALA B 280 -37.51 -6.68 -1.95
C ALA B 280 -36.27 -7.33 -1.34
N VAL B 281 -35.11 -7.08 -1.95
CA VAL B 281 -33.85 -7.62 -1.44
C VAL B 281 -33.55 -7.01 -0.07
N ILE B 282 -33.61 -5.69 0.02
CA ILE B 282 -33.32 -5.00 1.26
C ILE B 282 -34.32 -5.43 2.33
N GLU B 283 -35.60 -5.40 1.99
CA GLU B 283 -36.64 -5.72 2.96
C GLU B 283 -36.49 -7.15 3.46
N GLY B 284 -36.07 -8.05 2.57
CA GLY B 284 -35.91 -9.45 2.94
C GLY B 284 -34.80 -9.65 3.97
N TRP B 285 -33.70 -8.93 3.78
CA TRP B 285 -32.60 -9.01 4.73
C TRP B 285 -32.98 -8.37 6.07
N ILE B 286 -33.77 -7.30 6.03
CA ILE B 286 -34.20 -6.67 7.28
C ILE B 286 -35.09 -7.63 8.06
N GLU B 287 -36.03 -8.29 7.38
CA GLU B 287 -36.91 -9.23 8.03
C GLU B 287 -36.13 -10.43 8.57
N LYS B 288 -35.09 -10.83 7.84
CA LYS B 288 -34.28 -11.96 8.24
C LYS B 288 -33.56 -11.73 9.56
N TRP B 289 -33.06 -10.51 9.74
CA TRP B 289 -32.19 -10.20 10.88
C TRP B 289 -32.91 -9.54 12.04
N ARG B 290 -34.12 -9.01 11.79
CA ARG B 290 -34.84 -8.29 12.83
C ARG B 290 -35.08 -9.12 14.10
N PRO B 291 -35.51 -10.38 13.95
CA PRO B 291 -35.75 -11.21 15.13
C PRO B 291 -34.53 -11.36 16.04
N LEU B 292 -33.37 -11.65 15.47
CA LEU B 292 -32.12 -11.71 16.23
C LEU B 292 -31.83 -10.39 16.94
N ALA B 293 -32.09 -9.28 16.26
CA ALA B 293 -31.84 -7.95 16.83
C ALA B 293 -32.82 -7.66 17.99
N ASP B 294 -34.09 -8.00 17.80
CA ASP B 294 -35.08 -7.78 18.85
C ASP B 294 -34.79 -8.63 20.09
N ARG B 295 -34.42 -9.89 19.88
CA ARG B 295 -34.06 -10.75 21.01
C ARG B 295 -32.84 -10.19 21.76
N ALA B 296 -31.86 -9.70 21.01
CA ALA B 296 -30.66 -9.06 21.58
C ALA B 296 -31.05 -7.89 22.50
N ALA B 297 -31.90 -7.02 21.99
CA ALA B 297 -32.34 -5.86 22.75
C ALA B 297 -33.16 -6.26 23.98
N GLU B 298 -34.06 -7.23 23.83
CA GLU B 298 -34.89 -7.66 24.95
C GLU B 298 -34.04 -8.20 26.09
N ALA B 299 -33.06 -9.04 25.76
CA ALA B 299 -32.18 -9.63 26.77
C ALA B 299 -31.31 -8.58 27.45
N TYR B 300 -30.79 -7.64 26.67
CA TYR B 300 -29.99 -6.57 27.25
C TYR B 300 -30.84 -5.73 28.20
N LEU B 301 -32.02 -5.35 27.76
CA LEU B 301 -32.87 -4.44 28.54
C LEU B 301 -33.33 -5.11 29.83
N SER B 302 -33.58 -6.41 29.77
CA SER B 302 -33.94 -7.17 30.95
C SER B 302 -32.81 -7.14 31.96
N MET B 303 -31.57 -7.24 31.46
CA MET B 303 -30.38 -7.20 32.29
C MET B 303 -30.16 -5.82 32.90
N LEU B 304 -30.36 -4.78 32.10
CA LEU B 304 -30.16 -3.40 32.55
C LEU B 304 -31.16 -3.02 33.64
N SER B 305 -32.40 -3.47 33.50
CA SER B 305 -33.46 -3.05 34.40
C SER B 305 -33.60 -3.97 35.60
N SER B 306 -32.64 -4.89 35.76
CA SER B 306 -32.64 -5.79 36.91
C SER B 306 -31.72 -5.24 37.99
N SER C 2 0.68 -18.85 -41.23
CA SER C 2 1.85 -19.54 -40.69
C SER C 2 2.72 -18.60 -39.88
N ALA C 3 2.09 -17.56 -39.33
CA ALA C 3 2.77 -16.68 -38.37
C ALA C 3 3.27 -17.52 -37.21
N PHE C 4 4.47 -17.21 -36.74
CA PHE C 4 5.12 -18.01 -35.71
C PHE C 4 5.80 -17.08 -34.71
N PRO C 5 5.16 -16.81 -33.57
CA PRO C 5 5.77 -15.91 -32.59
C PRO C 5 6.90 -16.57 -31.83
N VAL C 6 8.02 -15.86 -31.70
CA VAL C 6 9.11 -16.26 -30.82
C VAL C 6 9.55 -15.08 -29.96
N HIS C 7 10.23 -15.37 -28.86
CA HIS C 7 10.85 -14.32 -28.07
C HIS C 7 12.35 -14.42 -28.32
N ALA C 8 12.94 -13.32 -28.81
CA ALA C 8 14.32 -13.37 -29.25
C ALA C 8 15.23 -12.42 -28.52
N ALA C 9 16.42 -12.91 -28.19
CA ALA C 9 17.46 -12.09 -27.57
C ALA C 9 18.64 -11.92 -28.53
N PHE C 10 18.92 -10.69 -28.93
CA PHE C 10 20.01 -10.43 -29.86
C PHE C 10 21.32 -10.11 -29.13
N GLU C 11 22.42 -10.66 -29.63
CA GLU C 11 23.73 -10.51 -29.00
C GLU C 11 24.16 -9.05 -28.81
N LYS C 12 24.35 -8.68 -27.54
CA LYS C 12 24.79 -7.35 -27.11
C LYS C 12 23.63 -6.37 -26.91
N ASP C 13 22.41 -6.81 -27.17
CA ASP C 13 21.22 -6.02 -26.86
C ASP C 13 20.94 -6.16 -25.36
N PHE C 14 19.95 -5.40 -24.86
CA PHE C 14 19.66 -5.40 -23.42
C PHE C 14 18.38 -6.16 -23.06
N LEU C 15 17.64 -6.65 -24.05
CA LEU C 15 16.37 -7.29 -23.73
C LEU C 15 15.97 -8.43 -24.67
N VAL C 16 14.85 -9.05 -24.34
CA VAL C 16 14.21 -10.06 -25.15
C VAL C 16 12.97 -9.43 -25.78
N GLN C 17 12.80 -9.63 -27.09
CA GLN C 17 11.66 -9.02 -27.77
C GLN C 17 10.78 -10.05 -28.43
N LEU C 18 9.50 -9.70 -28.58
CA LEU C 18 8.61 -10.48 -29.43
C LEU C 18 8.93 -10.22 -30.91
N VAL C 19 9.31 -11.28 -31.63
CA VAL C 19 9.50 -11.19 -33.07
C VAL C 19 8.67 -12.28 -33.72
N VAL C 20 7.80 -11.90 -34.63
CA VAL C 20 6.95 -12.88 -35.31
C VAL C 20 7.58 -13.31 -36.61
N VAL C 21 8.03 -14.57 -36.66
CA VAL C 21 8.62 -15.12 -37.88
C VAL C 21 7.62 -15.99 -38.61
N ASP C 22 8.10 -16.72 -39.62
CA ASP C 22 7.20 -17.60 -40.37
C ASP C 22 7.59 -19.07 -40.22
N LEU C 23 6.58 -19.93 -40.19
CA LEU C 23 6.78 -21.37 -40.07
C LEU C 23 7.86 -21.90 -41.03
N ASN C 24 7.95 -21.31 -42.22
CA ASN C 24 8.85 -21.82 -43.24
C ASN C 24 10.11 -20.96 -43.42
N ASP C 25 10.44 -20.16 -42.43
CA ASP C 25 11.62 -19.31 -42.50
C ASP C 25 12.92 -20.07 -42.21
N SER C 26 13.94 -19.83 -43.02
CA SER C 26 15.27 -20.31 -42.73
C SER C 26 15.78 -19.62 -41.47
N MET C 27 16.75 -20.22 -40.79
CA MET C 27 17.34 -19.58 -39.63
C MET C 27 18.02 -18.28 -40.06
N ASP C 28 18.47 -18.24 -41.31
CA ASP C 28 19.05 -17.03 -41.86
C ASP C 28 18.01 -15.91 -41.93
N GLN C 29 16.78 -16.28 -42.30
CA GLN C 29 15.70 -15.30 -42.42
C GLN C 29 15.21 -14.86 -41.04
N VAL C 30 15.14 -15.83 -40.12
CA VAL C 30 14.78 -15.54 -38.73
C VAL C 30 15.76 -14.53 -38.16
N ALA C 31 17.05 -14.76 -38.38
CA ALA C 31 18.07 -13.89 -37.79
C ALA C 31 17.93 -12.46 -38.30
N GLU C 32 17.61 -12.32 -39.58
CA GLU C 32 17.39 -11.02 -40.20
C GLU C 32 16.21 -10.28 -39.56
N LYS C 33 15.09 -10.98 -39.41
CA LYS C 33 13.87 -10.37 -38.88
C LYS C 33 14.08 -9.88 -37.45
N VAL C 34 14.87 -10.62 -36.66
CA VAL C 34 15.19 -10.20 -35.31
C VAL C 34 16.14 -9.00 -35.36
N ALA C 35 17.18 -9.10 -36.19
CA ALA C 35 18.18 -8.04 -36.28
C ALA C 35 17.51 -6.70 -36.60
N TYR C 36 16.44 -6.76 -37.41
CA TYR C 36 15.75 -5.54 -37.81
C TYR C 36 15.44 -4.70 -36.59
N HIS C 37 15.06 -5.36 -35.50
CA HIS C 37 14.60 -4.66 -34.32
C HIS C 37 15.73 -4.36 -33.34
N CYS C 38 16.99 -4.57 -33.76
CA CYS C 38 18.12 -4.51 -32.84
C CYS C 38 19.32 -3.75 -33.37
N VAL C 39 19.86 -4.21 -34.50
CA VAL C 39 21.02 -3.59 -35.12
C VAL C 39 20.65 -2.19 -35.59
N ASN C 40 21.52 -1.23 -35.29
CA ASN C 40 21.29 0.17 -35.62
C ASN C 40 20.20 0.80 -34.78
N ARG C 41 19.76 0.08 -33.74
CA ARG C 41 18.86 0.66 -32.74
C ARG C 41 19.57 0.73 -31.40
N ARG C 42 20.04 -0.43 -30.94
CA ARG C 42 20.75 -0.51 -29.68
C ARG C 42 22.03 -1.32 -29.83
N VAL C 43 22.23 -1.90 -31.01
CA VAL C 43 23.38 -2.76 -31.25
C VAL C 43 24.11 -2.35 -32.52
N ALA C 44 25.41 -2.12 -32.40
CA ALA C 44 26.23 -1.72 -33.53
C ALA C 44 26.31 -2.83 -34.57
N PRO C 45 26.22 -2.46 -35.87
CA PRO C 45 26.39 -3.44 -36.94
C PRO C 45 27.80 -4.02 -36.92
N ARG C 46 27.97 -5.22 -37.45
CA ARG C 46 29.28 -5.87 -37.45
C ARG C 46 29.37 -6.94 -38.53
N GLU C 47 30.61 -7.28 -38.90
CA GLU C 47 30.86 -8.35 -39.85
C GLU C 47 30.62 -9.71 -39.20
N GLY C 48 30.26 -10.70 -40.00
CA GLY C 48 30.02 -12.03 -39.50
C GLY C 48 28.67 -12.60 -39.88
N VAL C 49 28.47 -13.89 -39.61
CA VAL C 49 27.22 -14.56 -39.92
C VAL C 49 26.36 -14.67 -38.67
N MET C 50 25.11 -14.19 -38.76
CA MET C 50 24.17 -14.34 -37.67
C MET C 50 23.66 -15.78 -37.63
N ARG C 51 23.61 -16.35 -36.42
CA ARG C 51 23.11 -17.71 -36.23
C ARG C 51 21.98 -17.72 -35.20
N VAL C 52 21.15 -18.76 -35.25
CA VAL C 52 20.03 -18.90 -34.33
C VAL C 52 20.19 -20.15 -33.46
N ARG C 53 20.01 -19.98 -32.15
CA ARG C 53 20.05 -21.10 -31.21
C ARG C 53 18.89 -21.00 -30.22
N LYS C 54 18.48 -22.13 -29.64
CA LYS C 54 17.57 -22.08 -28.50
C LYS C 54 18.27 -21.31 -27.38
N HIS C 55 17.49 -20.57 -26.59
CA HIS C 55 18.03 -19.72 -25.53
C HIS C 55 19.09 -20.43 -24.69
N ARG C 56 20.29 -19.87 -24.68
CA ARG C 56 21.37 -20.35 -23.81
C ARG C 56 21.90 -21.73 -24.18
N SER C 57 21.51 -22.22 -25.36
CA SER C 57 21.97 -23.53 -25.83
C SER C 57 23.40 -23.45 -26.38
N THR C 58 24.05 -24.60 -26.44
CA THR C 58 25.40 -24.68 -26.98
C THR C 58 25.36 -25.13 -28.43
N GLU C 59 24.17 -25.49 -28.90
CA GLU C 59 23.98 -25.96 -30.26
C GLU C 59 23.32 -24.89 -31.12
N LEU C 60 23.89 -24.65 -32.29
CA LEU C 60 23.32 -23.70 -33.25
C LEU C 60 22.48 -24.44 -34.27
N PHE C 61 21.33 -23.87 -34.63
CA PHE C 61 20.56 -24.41 -35.75
C PHE C 61 21.30 -24.15 -37.06
N PRO C 62 21.20 -25.07 -38.03
CA PRO C 62 21.75 -24.80 -39.36
C PRO C 62 21.09 -23.61 -40.05
N ARG C 63 21.85 -22.88 -40.86
CA ARG C 63 21.36 -21.68 -41.53
C ARG C 63 20.16 -21.96 -42.42
N ASP C 64 20.19 -23.09 -43.12
CA ASP C 64 19.16 -23.52 -44.06
CA ASP C 64 19.12 -23.42 -44.04
C ASP C 64 17.92 -24.08 -43.37
N MET C 65 18.10 -24.57 -42.15
CA MET C 65 17.00 -25.20 -41.44
C MET C 65 15.88 -24.22 -41.18
N THR C 66 14.65 -24.63 -41.50
CA THR C 66 13.49 -23.79 -41.25
C THR C 66 13.02 -23.95 -39.79
N ILE C 67 12.20 -23.02 -39.31
CA ILE C 67 11.68 -23.11 -37.95
C ILE C 67 10.79 -24.35 -37.83
N ALA C 68 10.11 -24.71 -38.92
CA ALA C 68 9.24 -25.88 -38.91
C ALA C 68 10.06 -27.15 -38.72
N GLU C 69 11.25 -27.19 -39.31
CA GLU C 69 12.13 -28.34 -39.24
C GLU C 69 12.92 -28.38 -37.92
N SER C 70 12.92 -27.27 -37.20
CA SER C 70 13.75 -27.16 -36.00
C SER C 70 13.14 -27.82 -34.77
N GLY C 71 11.83 -28.03 -34.78
CA GLY C 71 11.15 -28.57 -33.61
C GLY C 71 10.83 -27.52 -32.55
N LEU C 72 11.15 -26.26 -32.86
CA LEU C 72 10.81 -25.16 -31.97
C LEU C 72 9.30 -25.03 -31.81
N ASN C 73 8.88 -24.67 -30.60
CA ASN C 73 7.47 -24.43 -30.32
C ASN C 73 7.21 -22.93 -30.30
N PRO C 74 5.98 -22.52 -30.64
CA PRO C 74 5.64 -21.10 -30.60
C PRO C 74 5.92 -20.50 -29.22
N THR C 75 6.31 -19.24 -29.19
CA THR C 75 6.62 -18.49 -27.97
C THR C 75 7.81 -19.01 -27.16
N GLU C 76 8.58 -19.94 -27.72
CA GLU C 76 9.82 -20.36 -27.08
C GLU C 76 10.87 -19.26 -27.28
N VAL C 77 11.90 -19.25 -26.45
CA VAL C 77 12.95 -18.22 -26.52
C VAL C 77 14.14 -18.67 -27.37
N ILE C 78 14.58 -17.80 -28.29
CA ILE C 78 15.79 -18.05 -29.07
C ILE C 78 16.79 -16.90 -28.88
N ASP C 79 18.06 -17.20 -29.12
CA ASP C 79 19.11 -16.19 -29.19
C ASP C 79 19.52 -16.01 -30.64
N VAL C 80 19.98 -14.81 -31.00
CA VAL C 80 20.61 -14.60 -32.29
C VAL C 80 22.02 -14.09 -32.02
N VAL C 81 23.02 -14.86 -32.47
CA VAL C 81 24.40 -14.61 -32.07
C VAL C 81 25.32 -14.71 -33.29
N PHE C 82 26.57 -14.31 -33.12
CA PHE C 82 27.56 -14.36 -34.21
C PHE C 82 28.54 -15.51 -34.01
N GLU C 83 28.87 -16.20 -35.10
CA GLU C 83 29.78 -17.34 -35.02
C GLU C 83 31.13 -16.92 -34.43
N GLU C 84 31.64 -17.76 -33.53
CA GLU C 84 32.89 -17.48 -32.82
C GLU C 84 34.08 -17.38 -33.78
N SER D 2 30.50 -8.61 -2.57
CA SER D 2 29.66 -8.69 -1.38
C SER D 2 30.40 -8.14 -0.15
N THR D 3 31.65 -7.74 -0.35
CA THR D 3 32.40 -7.05 0.70
C THR D 3 31.63 -5.81 1.15
N LEU D 4 31.32 -4.94 0.18
CA LEU D 4 30.54 -3.73 0.44
C LEU D 4 29.21 -4.05 1.13
N ALA D 5 28.50 -5.06 0.62
CA ALA D 5 27.20 -5.43 1.18
C ALA D 5 27.32 -6.01 2.58
N ASP D 6 28.34 -6.86 2.77
CA ASP D 6 28.58 -7.46 4.07
C ASP D 6 28.81 -6.39 5.13
N GLN D 7 29.64 -5.42 4.79
CA GLN D 7 29.96 -4.36 5.75
C GLN D 7 28.74 -3.49 6.05
N ALA D 8 27.91 -3.25 5.03
CA ALA D 8 26.71 -2.45 5.21
C ALA D 8 25.73 -3.15 6.15
N LEU D 9 25.61 -4.47 5.98
CA LEU D 9 24.67 -5.27 6.78
C LEU D 9 25.13 -5.39 8.22
N HIS D 10 26.43 -5.62 8.42
CA HIS D 10 26.98 -5.82 9.74
C HIS D 10 27.20 -4.49 10.47
N ASN D 11 26.09 -3.86 10.82
CA ASN D 11 26.11 -2.62 11.58
C ASN D 11 25.17 -2.82 12.76
N ASN D 12 25.32 -2.00 13.79
CA ASN D 12 24.35 -2.00 14.90
C ASN D 12 23.81 -0.60 15.12
N ASN D 13 23.67 0.15 14.02
CA ASN D 13 23.20 1.52 14.10
C ASN D 13 21.70 1.56 14.35
N VAL D 14 21.28 2.33 15.36
CA VAL D 14 19.88 2.53 15.64
C VAL D 14 19.63 4.01 15.84
N GLY D 15 18.39 4.44 15.60
CA GLY D 15 18.05 5.82 15.82
C GLY D 15 17.03 6.38 14.86
N PRO D 16 16.57 7.60 15.12
CA PRO D 16 15.49 8.22 14.35
C PRO D 16 15.92 8.78 13.00
N ILE D 17 15.04 8.70 12.00
CA ILE D 17 15.20 9.47 10.78
C ILE D 17 14.17 10.59 10.87
N ILE D 18 14.66 11.81 10.98
CA ILE D 18 13.79 12.97 11.19
C ILE D 18 13.66 13.74 9.88
N ARG D 19 12.41 14.00 9.48
CA ARG D 19 12.19 14.74 8.24
C ARG D 19 12.49 16.21 8.45
N ALA D 20 12.80 16.91 7.36
CA ALA D 20 13.13 18.32 7.40
C ALA D 20 12.08 19.11 8.15
N GLY D 21 12.52 19.93 9.09
CA GLY D 21 11.61 20.74 9.88
C GLY D 21 12.18 21.11 11.23
N ASP D 22 11.30 21.50 12.14
CA ASP D 22 11.72 22.08 13.41
C ASP D 22 12.19 21.06 14.44
N LEU D 23 12.13 19.77 14.12
CA LEU D 23 12.58 18.75 15.06
C LEU D 23 14.00 18.25 14.78
N VAL D 24 14.58 18.61 13.63
CA VAL D 24 15.88 18.07 13.28
C VAL D 24 16.95 18.42 14.33
N GLU D 25 17.17 19.71 14.56
CA GLU D 25 18.26 20.08 15.49
C GLU D 25 17.96 19.66 16.92
N PRO D 26 16.72 19.87 17.37
CA PRO D 26 16.43 19.41 18.74
C PRO D 26 16.63 17.90 18.95
N VAL D 27 16.28 17.08 17.97
CA VAL D 27 16.46 15.64 18.12
C VAL D 27 17.95 15.29 18.14
N ILE D 28 18.74 15.94 17.30
CA ILE D 28 20.18 15.71 17.29
C ILE D 28 20.75 16.03 18.67
N GLU D 29 20.40 17.19 19.19
CA GLU D 29 20.93 17.65 20.48
C GLU D 29 20.47 16.73 21.59
N THR D 30 19.22 16.26 21.50
CA THR D 30 18.67 15.37 22.51
C THR D 30 19.40 14.03 22.50
N ALA D 31 19.65 13.51 21.30
CA ALA D 31 20.40 12.25 21.18
C ALA D 31 21.75 12.37 21.86
N GLU D 32 22.42 13.50 21.68
CA GLU D 32 23.72 13.70 22.34
C GLU D 32 23.60 13.75 23.85
N ILE D 33 22.63 14.49 24.37
CA ILE D 33 22.49 14.70 25.81
C ILE D 33 22.06 13.40 26.50
N ASP D 34 21.09 12.71 25.92
CA ASP D 34 20.46 11.57 26.58
C ASP D 34 21.22 10.25 26.37
N ASN D 35 22.31 10.30 25.62
CA ASN D 35 23.16 9.13 25.42
C ASN D 35 24.62 9.51 25.60
N PRO D 36 24.97 9.95 26.82
CA PRO D 36 26.35 10.37 27.11
C PRO D 36 27.31 9.19 27.01
N GLY D 37 28.49 9.40 26.46
CA GLY D 37 29.41 8.31 26.27
C GLY D 37 29.07 7.40 25.09
N LYS D 38 28.04 7.79 24.34
CA LYS D 38 27.80 7.21 23.03
C LYS D 38 28.11 8.28 21.99
N GLU D 39 28.78 7.89 20.91
CA GLU D 39 28.96 8.79 19.78
C GLU D 39 27.70 8.81 18.92
N ILE D 40 27.21 10.00 18.60
CA ILE D 40 26.03 10.13 17.75
CA ILE D 40 26.03 10.14 17.75
C ILE D 40 26.47 10.50 16.35
N THR D 41 26.03 9.74 15.36
CA THR D 41 26.38 10.06 13.98
C THR D 41 25.17 10.69 13.31
N VAL D 42 25.42 11.64 12.43
CA VAL D 42 24.36 12.35 11.74
C VAL D 42 24.66 12.40 10.25
N GLU D 43 23.75 11.86 9.44
CA GLU D 43 23.86 11.97 7.99
C GLU D 43 22.75 12.87 7.48
N ASP D 44 23.14 14.00 6.88
CA ASP D 44 22.17 14.99 6.44
C ASP D 44 21.82 14.81 4.96
N ARG D 45 20.57 14.48 4.67
CA ARG D 45 20.12 14.31 3.28
C ARG D 45 19.11 15.38 2.88
N ARG D 46 19.12 16.49 3.63
CA ARG D 46 18.32 17.69 3.37
C ARG D 46 16.82 17.49 3.61
N ALA D 47 16.21 16.51 2.95
CA ALA D 47 14.80 16.20 3.18
C ALA D 47 14.62 15.44 4.49
N TYR D 48 15.70 14.81 4.93
CA TYR D 48 15.69 14.08 6.19
C TYR D 48 17.10 13.98 6.73
N VAL D 49 17.21 13.68 8.02
CA VAL D 49 18.50 13.46 8.66
C VAL D 49 18.47 12.11 9.37
N ARG D 50 19.52 11.32 9.15
CA ARG D 50 19.67 9.99 9.73
C ARG D 50 20.57 10.10 10.96
N ILE D 51 20.00 9.86 12.14
CA ILE D 51 20.69 10.03 13.41
C ILE D 51 20.85 8.68 14.08
N ALA D 52 22.07 8.33 14.48
CA ALA D 52 22.30 6.98 14.97
C ALA D 52 23.33 6.89 16.08
N ALA D 53 23.21 5.82 16.87
CA ALA D 53 24.19 5.39 17.83
C ALA D 53 24.30 3.87 17.77
N GLU D 54 25.37 3.34 18.35
CA GLU D 54 25.57 1.90 18.46
C GLU D 54 24.67 1.22 19.48
N GLY D 55 23.85 0.27 19.01
CA GLY D 55 23.13 -0.65 19.89
C GLY D 55 21.84 -0.13 20.50
N GLU D 56 21.87 1.13 20.94
CA GLU D 56 20.72 1.72 21.61
C GLU D 56 20.83 3.22 21.56
N LEU D 57 19.69 3.89 21.34
CA LEU D 57 19.63 5.33 21.35
C LEU D 57 18.30 5.75 21.95
N ILE D 58 18.39 6.56 23.00
CA ILE D 58 17.24 7.01 23.77
C ILE D 58 16.95 8.48 23.48
N LEU D 59 15.67 8.82 23.29
CA LEU D 59 15.23 10.21 23.31
C LEU D 59 14.22 10.40 24.43
N THR D 60 14.54 11.22 25.43
CA THR D 60 13.57 11.44 26.50
C THR D 60 12.71 12.67 26.19
N ARG D 61 11.45 12.60 26.61
CA ARG D 61 10.52 13.72 26.43
C ARG D 61 11.04 14.99 27.08
N LYS D 62 11.58 14.84 28.29
CA LYS D 62 12.07 15.99 29.06
C LYS D 62 13.17 16.74 28.30
N THR D 63 14.17 16.00 27.85
CA THR D 63 15.25 16.62 27.12
C THR D 63 14.76 17.21 25.79
N LEU D 64 13.93 16.46 25.06
CA LEU D 64 13.49 16.92 23.75
C LEU D 64 12.69 18.23 23.89
N GLU D 65 11.83 18.28 24.91
CA GLU D 65 11.10 19.50 25.22
C GLU D 65 12.05 20.68 25.50
N GLU D 66 13.10 20.44 26.28
CA GLU D 66 14.05 21.50 26.58
C GLU D 66 14.79 21.95 25.32
N GLN D 67 15.15 21.01 24.45
CA GLN D 67 15.92 21.36 23.26
C GLN D 67 15.01 21.98 22.19
N LEU D 68 13.76 21.57 22.17
CA LEU D 68 12.79 22.12 21.22
C LEU D 68 12.37 23.55 21.64
N GLY D 69 12.30 23.78 22.94
CA GLY D 69 12.00 25.10 23.46
C GLY D 69 10.53 25.42 23.64
N ARG D 70 9.68 24.40 23.55
CA ARG D 70 8.23 24.59 23.70
C ARG D 70 7.65 23.32 24.29
N PRO D 71 6.44 23.40 24.89
CA PRO D 71 5.80 22.21 25.45
C PRO D 71 5.71 21.09 24.43
N PHE D 72 5.99 19.87 24.86
CA PHE D 72 6.11 18.74 23.94
C PHE D 72 5.65 17.43 24.58
N ASN D 73 4.76 16.69 23.91
CA ASN D 73 4.35 15.35 24.33
C ASN D 73 5.05 14.33 23.46
N MET D 74 5.47 13.20 24.03
CA MET D 74 6.26 12.22 23.28
C MET D 74 5.55 11.75 22.00
N GLN D 75 4.23 11.61 22.07
CA GLN D 75 3.46 11.11 20.95
C GLN D 75 3.60 11.99 19.71
N GLU D 76 3.85 13.28 19.94
CA GLU D 76 4.02 14.26 18.86
C GLU D 76 5.19 14.01 17.96
N LEU D 77 6.16 13.22 18.44
CA LEU D 77 7.36 13.00 17.65
C LEU D 77 6.98 12.42 16.27
N GLU D 78 5.84 11.72 16.24
CA GLU D 78 5.33 11.09 15.03
C GLU D 78 5.06 12.07 13.88
N ILE D 79 4.93 13.35 14.20
CA ILE D 79 4.74 14.34 13.15
C ILE D 79 6.00 14.41 12.29
N ASN D 80 7.15 14.10 12.88
CA ASN D 80 8.43 14.29 12.20
C ASN D 80 9.33 13.08 12.12
N LEU D 81 8.91 11.97 12.74
CA LEU D 81 9.69 10.74 12.70
C LEU D 81 9.33 9.94 11.45
N ALA D 82 10.10 10.14 10.38
CA ALA D 82 9.76 9.62 9.08
C ALA D 82 10.15 8.16 8.93
N SER D 83 11.17 7.74 9.69
CA SER D 83 11.57 6.33 9.75
C SER D 83 12.46 6.15 10.97
N PHE D 84 12.98 4.96 11.16
CA PHE D 84 13.94 4.71 12.23
C PHE D 84 14.62 3.38 12.00
N ALA D 85 15.85 3.30 12.49
CA ALA D 85 16.62 2.06 12.52
C ALA D 85 16.57 1.53 13.94
N GLY D 86 16.50 0.20 14.08
CA GLY D 86 16.34 -0.42 15.37
C GLY D 86 14.89 -0.77 15.63
N GLN D 87 14.68 -1.63 16.61
CA GLN D 87 13.35 -1.86 17.15
C GLN D 87 12.97 -0.67 18.02
N ILE D 88 11.69 -0.44 18.21
CA ILE D 88 11.23 0.74 18.95
C ILE D 88 10.45 0.34 20.20
N GLN D 89 10.73 1.05 21.29
CA GLN D 89 10.01 0.93 22.55
C GLN D 89 9.65 2.35 22.98
N ALA D 90 8.37 2.69 22.93
CA ALA D 90 7.97 4.06 23.18
C ALA D 90 6.97 4.16 24.33
N ASP D 91 7.06 5.23 25.10
CA ASP D 91 6.09 5.49 26.16
C ASP D 91 5.99 7.00 26.35
N GLU D 92 5.30 7.43 27.40
CA GLU D 92 5.05 8.86 27.60
C GLU D 92 6.31 9.62 27.98
N ASP D 93 7.32 8.91 28.47
CA ASP D 93 8.53 9.54 28.99
C ASP D 93 9.68 9.55 28.00
N GLN D 94 9.71 8.58 27.10
CA GLN D 94 10.82 8.46 26.15
C GLN D 94 10.54 7.51 25.01
N ILE D 95 11.38 7.57 23.99
CA ILE D 95 11.43 6.54 22.97
CA ILE D 95 11.43 6.54 22.96
C ILE D 95 12.84 5.94 22.95
N ARG D 96 12.90 4.62 22.83
CA ARG D 96 14.17 3.89 22.79
C ARG D 96 14.26 3.13 21.47
N PHE D 97 15.34 3.38 20.72
CA PHE D 97 15.65 2.58 19.53
C PHE D 97 16.75 1.61 19.92
N TYR D 98 16.63 0.33 19.55
CA TYR D 98 17.55 -0.68 20.05
C TYR D 98 17.58 -1.94 19.18
N PHE D 99 18.65 -2.71 19.31
CA PHE D 99 18.73 -4.04 18.71
C PHE D 99 18.81 -5.13 19.79
N ASP D 100 18.19 -6.27 19.54
CA ASP D 100 18.36 -7.44 20.40
C ASP D 100 19.71 -8.10 20.16
N LYS D 101 20.16 -8.09 18.90
CA LYS D 101 21.38 -8.80 18.53
C LYS D 101 22.54 -7.86 18.31
N THR D 102 23.76 -8.42 18.38
CA THR D 102 24.96 -7.67 18.02
C THR D 102 25.58 -8.30 16.76
N MET D 103 25.71 -7.50 15.71
CA MET D 103 26.28 -7.96 14.45
C MET D 103 27.64 -7.34 14.18
#